data_6VCZ
#
_entry.id   6VCZ
#
_cell.length_a   62.798
_cell.length_b   99.276
_cell.length_c   86.930
_cell.angle_alpha   90.000
_cell.angle_beta   109.740
_cell.angle_gamma   90.000
#
_symmetry.space_group_name_H-M   'P 1 21 1'
#
loop_
_entity.id
_entity.type
_entity.pdbx_description
1 polymer 'S-adenosylmethionine synthase 2'
2 non-polymer 'PHOSPHATE ION'
3 non-polymer 'MAGNESIUM ION'
4 non-polymer R-1,2-PROPANEDIOL
5 non-polymer '3[N-MORPHOLINO]PROPANE SULFONIC ACID'
6 non-polymer 2-METHOXYETHANOL
7 non-polymer 'TRIETHYLENE GLYCOL'
8 water water
#
_entity_poly.entity_id   1
_entity_poly.type   'polypeptide(L)'
_entity_poly.pdbx_seq_one_letter_code
;SNAMETFLFTSESVNEGHPDKLCDQISDAVLDACLEQDPDSKVACETCTKTNMVMVFGEITTKATIDYEKIVRDTCRSIG
FISDDVGLDADKCKVLVNIEQQSPDIAQGVHGHFTKRPEDIGAGDQGHMFGYATDETPELMPLSHVLATKIGARLTEVRK
NGTCRWLRPDGKTQVTVEYYNDNGAMVPVRVHTVLISTQHDETVTNDEIARDLKEHVIKPIIPEKYLDDKTIFHLNPSGR
FVIGGPHGDAGLTGRKIIIDTYGGWGAHGGGAFSGKDPTKVDRSGAYIVRQAAKSVVANGMARRALVQVSYAIGVPEPLS
VFVDTYGTGLIPDKEILKIVKETFDFRPGMMTINLDLKRGGNGRFQKTAAYGHFGRDDPDFTWEVVKPLKWDKPQLNNIG
SG
;
_entity_poly.pdbx_strand_id   A,B
#
loop_
_chem_comp.id
_chem_comp.type
_chem_comp.name
_chem_comp.formula
MG non-polymer 'MAGNESIUM ION' 'Mg 2'
MPO non-polymer '3[N-MORPHOLINO]PROPANE SULFONIC ACID' 'C7 H15 N O4 S'
MXE non-polymer 2-METHOXYETHANOL 'C3 H8 O2'
PGE non-polymer 'TRIETHYLENE GLYCOL' 'C6 H14 O4'
PGR non-polymer R-1,2-PROPANEDIOL 'C3 H8 O2'
PO4 non-polymer 'PHOSPHATE ION' 'O4 P -3'
#
# COMPACT_ATOMS: atom_id res chain seq x y z
N MET A 4 -17.22 27.66 13.18
CA MET A 4 -16.33 27.15 12.08
C MET A 4 -16.38 25.62 12.09
N GLU A 5 -16.81 25.00 10.99
CA GLU A 5 -16.91 23.51 10.85
C GLU A 5 -15.53 22.96 10.46
N THR A 6 -15.08 21.94 11.18
CA THR A 6 -13.75 21.30 10.97
C THR A 6 -13.91 19.79 10.99
N PHE A 7 -12.85 19.11 10.55
CA PHE A 7 -12.76 17.64 10.64
C PHE A 7 -11.32 17.29 11.00
N LEU A 8 -11.17 16.06 11.41
CA LEU A 8 -9.87 15.51 11.91
C LEU A 8 -9.29 14.56 10.87
N PHE A 9 -8.04 14.71 10.53
CA PHE A 9 -7.36 13.84 9.53
C PHE A 9 -6.01 13.44 10.11
N THR A 10 -5.74 12.12 10.14
CA THR A 10 -4.54 11.58 10.77
C THR A 10 -3.60 10.99 9.73
N SER A 11 -2.31 11.22 9.92
CA SER A 11 -1.23 10.58 9.14
C SER A 11 -0.20 10.05 10.11
N GLU A 12 0.51 9.01 9.75
CA GLU A 12 1.60 8.46 10.57
C GLU A 12 2.95 8.47 9.84
N SER A 13 3.99 8.09 10.58
CA SER A 13 5.31 7.84 10.03
C SER A 13 5.97 6.76 10.86
N VAL A 14 6.97 6.08 10.28
CA VAL A 14 7.84 5.19 11.08
C VAL A 14 9.27 5.66 10.88
N ASN A 15 10.08 5.39 11.89
CA ASN A 15 11.48 5.76 11.91
C ASN A 15 12.32 4.85 11.02
N GLU A 16 13.56 5.26 10.79
CA GLU A 16 14.50 4.50 9.95
C GLU A 16 14.82 3.14 10.57
N GLY A 17 14.69 2.93 11.88
CA GLY A 17 14.90 1.61 12.50
C GLY A 17 13.67 0.72 12.53
N HIS A 18 12.52 1.12 11.98
CA HIS A 18 11.38 0.23 11.88
C HIS A 18 11.73 -0.90 10.94
N PRO A 19 11.39 -2.18 11.22
CA PRO A 19 11.91 -3.26 10.40
C PRO A 19 11.49 -3.24 8.93
N ASP A 20 10.28 -2.74 8.65
CA ASP A 20 9.85 -2.60 7.23
C ASP A 20 10.65 -1.48 6.59
N LYS A 21 10.83 -0.36 7.28
CA LYS A 21 11.63 0.73 6.68
C LYS A 21 13.09 0.34 6.48
N LEU A 22 13.62 -0.47 7.40
CA LEU A 22 14.99 -0.99 7.27
C LEU A 22 15.10 -1.69 5.92
N CYS A 23 14.12 -2.53 5.61
CA CYS A 23 14.10 -3.24 4.34
C CYS A 23 14.07 -2.31 3.12
N ASP A 24 13.25 -1.27 3.19
CA ASP A 24 13.26 -0.27 2.09
C ASP A 24 14.67 0.30 1.88
N GLN A 25 15.30 0.69 2.99
CA GLN A 25 16.64 1.30 2.94
C GLN A 25 17.69 0.33 2.41
N ILE A 26 17.63 -0.92 2.77
CA ILE A 26 18.59 -1.94 2.25
C ILE A 26 18.31 -2.11 0.75
N SER A 27 17.04 -2.24 0.36
CA SER A 27 16.67 -2.40 -1.06
C SER A 27 17.27 -1.28 -1.90
N ASP A 28 17.10 -0.04 -1.42
CA ASP A 28 17.58 1.12 -2.18
C ASP A 28 19.10 1.24 -2.07
N ALA A 29 19.73 0.84 -0.97
CA ALA A 29 21.22 0.78 -0.91
C ALA A 29 21.76 -0.15 -1.97
N VAL A 30 21.08 -1.28 -2.18
CA VAL A 30 21.50 -2.23 -3.23
C VAL A 30 21.34 -1.51 -4.57
N LEU A 31 20.19 -0.91 -4.84
CA LEU A 31 19.98 -0.17 -6.10
C LEU A 31 21.08 0.89 -6.30
N ASP A 32 21.36 1.71 -5.30
CA ASP A 32 22.36 2.77 -5.45
C ASP A 32 23.71 2.15 -5.83
N ALA A 33 24.10 1.06 -5.18
CA ALA A 33 25.42 0.42 -5.43
C ALA A 33 25.44 -0.06 -6.89
N CYS A 34 24.37 -0.64 -7.41
CA CYS A 34 24.29 -1.07 -8.82
C CYS A 34 24.42 0.14 -9.74
N LEU A 35 23.70 1.23 -9.49
CA LEU A 35 23.71 2.37 -10.44
C LEU A 35 25.06 3.06 -10.41
N GLU A 36 25.78 3.04 -9.31
CA GLU A 36 27.08 3.75 -9.23
C GLU A 36 28.02 3.14 -10.29
N GLN A 37 27.97 1.82 -10.49
CA GLN A 37 28.88 1.11 -11.44
C GLN A 37 28.23 0.99 -12.82
N ASP A 38 26.91 0.89 -12.87
CA ASP A 38 26.18 0.56 -14.12
C ASP A 38 24.85 1.27 -14.05
N PRO A 39 24.76 2.50 -14.60
CA PRO A 39 23.52 3.26 -14.57
C PRO A 39 22.33 2.64 -15.28
N ASP A 40 22.56 1.64 -16.13
CA ASP A 40 21.46 0.98 -16.88
C ASP A 40 21.04 -0.30 -16.15
N SER A 41 21.56 -0.55 -14.94
CA SER A 41 21.14 -1.74 -14.15
C SER A 41 19.61 -1.86 -14.10
N LYS A 42 19.12 -3.09 -14.23
CA LYS A 42 17.70 -3.42 -13.97
C LYS A 42 17.69 -4.04 -12.58
N VAL A 43 16.91 -3.47 -11.69
CA VAL A 43 16.96 -3.88 -10.26
C VAL A 43 15.54 -3.99 -9.74
N ALA A 44 15.27 -5.15 -9.14
CA ALA A 44 14.02 -5.47 -8.43
C ALA A 44 14.42 -6.18 -7.15
N CYS A 45 14.99 -5.43 -6.23
CA CYS A 45 15.66 -5.98 -5.01
C CYS A 45 14.70 -5.92 -3.83
N GLU A 46 14.31 -7.06 -3.36
CA GLU A 46 13.38 -7.23 -2.22
C GLU A 46 14.19 -7.62 -0.99
N THR A 47 13.82 -7.11 0.16
CA THR A 47 14.49 -7.42 1.43
C THR A 47 13.46 -7.82 2.47
N CYS A 48 13.82 -8.86 3.18
CA CYS A 48 13.05 -9.35 4.39
CA CYS A 48 13.04 -9.22 4.42
C CYS A 48 13.97 -9.52 5.67
N THR A 49 13.36 -9.28 6.82
CA THR A 49 14.16 -9.37 8.05
C THR A 49 13.29 -9.95 9.17
N LYS A 50 13.96 -10.63 10.09
CA LYS A 50 13.31 -11.10 11.35
CA LYS A 50 13.33 -11.26 11.29
C LYS A 50 14.45 -11.33 12.33
N THR A 51 14.16 -11.92 13.48
CA THR A 51 15.20 -12.02 14.52
C THR A 51 16.50 -12.50 13.88
N ASN A 52 17.57 -11.72 14.05
CA ASN A 52 18.96 -12.08 13.74
C ASN A 52 19.15 -12.45 12.26
N MET A 53 18.29 -11.98 11.35
CA MET A 53 18.49 -12.33 9.95
C MET A 53 17.99 -11.22 9.02
N VAL A 54 18.72 -11.03 7.94
CA VAL A 54 18.26 -10.22 6.80
C VAL A 54 18.42 -11.07 5.55
N MET A 55 17.44 -11.06 4.67
CA MET A 55 17.54 -11.74 3.36
CA MET A 55 17.50 -11.76 3.36
C MET A 55 17.28 -10.71 2.25
N VAL A 56 18.16 -10.67 1.27
CA VAL A 56 17.91 -9.91 0.01
C VAL A 56 17.65 -10.91 -1.11
N PHE A 57 16.71 -10.60 -1.98
CA PHE A 57 16.24 -11.53 -3.04
C PHE A 57 15.62 -10.69 -4.14
N GLY A 58 15.21 -11.37 -5.18
CA GLY A 58 14.76 -10.72 -6.40
C GLY A 58 15.80 -10.75 -7.47
N GLU A 59 15.60 -9.97 -8.50
CA GLU A 59 16.29 -10.11 -9.81
C GLU A 59 17.07 -8.83 -10.06
N ILE A 60 18.30 -8.96 -10.50
CA ILE A 60 19.13 -7.81 -10.93
C ILE A 60 19.80 -8.17 -12.24
N THR A 61 19.71 -7.29 -13.21
CA THR A 61 20.56 -7.41 -14.44
C THR A 61 21.53 -6.24 -14.40
N THR A 62 22.82 -6.53 -14.35
CA THR A 62 23.85 -5.48 -14.09
C THR A 62 25.22 -5.92 -14.60
N LYS A 63 26.02 -4.92 -14.98
CA LYS A 63 27.47 -5.15 -15.25
C LYS A 63 28.26 -4.99 -13.95
N ALA A 64 27.66 -4.45 -12.92
CA ALA A 64 28.32 -4.16 -11.65
C ALA A 64 28.76 -5.43 -10.94
N THR A 65 29.81 -5.29 -10.14
CA THR A 65 30.23 -6.30 -9.15
C THR A 65 29.87 -5.74 -7.78
N ILE A 66 28.96 -6.39 -7.08
CA ILE A 66 28.35 -5.91 -5.81
C ILE A 66 28.64 -6.89 -4.67
N ASP A 67 29.04 -6.35 -3.54
CA ASP A 67 29.16 -7.12 -2.28
C ASP A 67 27.86 -6.95 -1.52
N TYR A 68 26.86 -7.76 -1.86
CA TYR A 68 25.49 -7.57 -1.32
C TYR A 68 25.54 -7.66 0.19
N GLU A 69 26.33 -8.61 0.73
CA GLU A 69 26.37 -8.79 2.20
C GLU A 69 26.90 -7.50 2.86
N LYS A 70 27.96 -6.91 2.31
CA LYS A 70 28.58 -5.69 2.90
C LYS A 70 27.53 -4.56 2.85
N ILE A 71 26.82 -4.44 1.74
CA ILE A 71 25.80 -3.36 1.61
C ILE A 71 24.74 -3.54 2.70
N VAL A 72 24.26 -4.75 2.92
CA VAL A 72 23.29 -5.06 3.99
C VAL A 72 23.86 -4.64 5.35
N ARG A 73 25.02 -5.16 5.66
CA ARG A 73 25.59 -4.90 7.02
C ARG A 73 25.91 -3.41 7.18
N ASP A 74 26.45 -2.77 6.18
CA ASP A 74 26.75 -1.32 6.26
C ASP A 74 25.46 -0.54 6.53
N THR A 75 24.37 -0.86 5.80
CA THR A 75 23.10 -0.13 5.94
C THR A 75 22.58 -0.28 7.37
N CYS A 76 22.56 -1.53 7.85
CA CYS A 76 22.06 -1.84 9.21
C CYS A 76 22.94 -1.08 10.24
N ARG A 77 24.25 -1.17 10.09
CA ARG A 77 25.18 -0.58 11.08
C ARG A 77 24.94 0.93 11.19
N SER A 78 24.83 1.61 10.04
CA SER A 78 24.75 3.09 9.98
C SER A 78 23.40 3.56 10.57
N ILE A 79 22.35 2.75 10.45
CA ILE A 79 21.04 3.05 11.08
C ILE A 79 21.14 2.95 12.61
N GLY A 80 22.05 2.13 13.11
CA GLY A 80 22.27 1.97 14.56
C GLY A 80 22.09 0.55 15.06
N PHE A 81 21.95 -0.45 14.18
CA PHE A 81 21.72 -1.84 14.60
C PHE A 81 23.08 -2.46 14.79
N ILE A 82 23.64 -2.21 15.98
CA ILE A 82 25.04 -2.57 16.32
C ILE A 82 25.11 -3.60 17.45
N SER A 83 24.00 -4.15 17.92
CA SER A 83 23.97 -5.12 19.06
C SER A 83 22.63 -5.84 19.11
N ASP A 84 22.60 -7.06 19.63
CA ASP A 84 21.34 -7.79 19.82
C ASP A 84 20.44 -6.96 20.76
N ASP A 85 21.02 -6.22 21.70
CA ASP A 85 20.26 -5.42 22.69
C ASP A 85 19.39 -4.38 21.97
N VAL A 86 19.91 -3.77 20.90
CA VAL A 86 19.17 -2.74 20.11
CA VAL A 86 19.09 -2.73 20.18
C VAL A 86 18.14 -3.44 19.21
N GLY A 87 18.39 -4.68 18.84
CA GLY A 87 17.40 -5.47 18.10
C GLY A 87 17.95 -6.15 16.85
N LEU A 88 19.21 -5.92 16.51
CA LEU A 88 19.93 -6.55 15.36
C LEU A 88 21.38 -6.12 15.44
N ASP A 89 22.26 -7.08 15.39
CA ASP A 89 23.71 -6.85 15.31
C ASP A 89 24.15 -6.91 13.86
N ALA A 90 24.43 -5.76 13.25
CA ALA A 90 24.85 -5.71 11.83
C ALA A 90 26.04 -6.61 11.56
N ASP A 91 26.98 -6.76 12.51
CA ASP A 91 28.20 -7.55 12.21
C ASP A 91 27.99 -9.04 12.47
N LYS A 92 27.02 -9.43 13.28
CA LYS A 92 26.90 -10.83 13.70
C LYS A 92 25.69 -11.52 13.10
N CYS A 93 24.68 -10.78 12.63
CA CYS A 93 23.43 -11.40 12.20
C CYS A 93 23.66 -12.23 10.94
N LYS A 94 22.74 -13.14 10.65
CA LYS A 94 22.74 -13.92 9.39
CA LYS A 94 22.74 -13.91 9.39
C LYS A 94 22.34 -12.97 8.25
N VAL A 95 23.06 -13.05 7.13
CA VAL A 95 22.66 -12.29 5.91
C VAL A 95 22.56 -13.31 4.80
N LEU A 96 21.39 -13.51 4.26
CA LEU A 96 21.14 -14.51 3.20
C LEU A 96 21.05 -13.77 1.89
N VAL A 97 21.99 -14.00 0.99
CA VAL A 97 22.00 -13.30 -0.31
C VAL A 97 21.38 -14.26 -1.32
N ASN A 98 20.13 -14.03 -1.66
CA ASN A 98 19.33 -14.90 -2.55
C ASN A 98 18.93 -14.13 -3.79
N ILE A 99 19.64 -13.10 -4.14
CA ILE A 99 19.44 -12.35 -5.41
C ILE A 99 19.85 -13.23 -6.60
N GLU A 100 19.11 -13.12 -7.69
CA GLU A 100 19.45 -13.73 -9.00
C GLU A 100 20.07 -12.61 -9.82
N GLN A 101 21.40 -12.62 -9.99
CA GLN A 101 22.10 -11.59 -10.78
C GLN A 101 22.45 -12.16 -12.16
N GLN A 102 22.12 -11.44 -13.22
CA GLN A 102 22.61 -11.79 -14.58
C GLN A 102 23.25 -10.59 -15.24
N SER A 103 24.08 -10.83 -16.27
CA SER A 103 24.63 -9.78 -17.17
C SER A 103 23.60 -9.42 -18.22
N PRO A 104 23.71 -8.21 -18.83
CA PRO A 104 22.80 -7.79 -19.90
C PRO A 104 23.03 -8.53 -21.23
N LYS A 116 16.62 0.88 -28.59
CA LYS A 116 16.97 1.76 -27.45
C LYS A 116 16.73 3.22 -27.83
N ARG A 117 15.75 3.44 -28.71
CA ARG A 117 15.25 4.81 -28.95
C ARG A 117 14.33 5.02 -27.73
N PRO A 118 14.64 5.97 -26.85
CA PRO A 118 13.91 6.14 -25.60
C PRO A 118 12.38 6.28 -25.80
N GLU A 119 11.98 6.91 -26.88
CA GLU A 119 10.54 7.20 -27.14
C GLU A 119 9.80 5.87 -27.42
N ASP A 120 10.52 4.84 -27.79
CA ASP A 120 9.82 3.59 -28.17
C ASP A 120 9.88 2.58 -27.02
N ILE A 121 10.54 2.87 -25.91
CA ILE A 121 10.61 1.98 -24.71
C ILE A 121 9.18 1.78 -24.14
N GLY A 122 8.70 0.55 -24.18
CA GLY A 122 7.40 0.27 -23.55
C GLY A 122 7.48 0.20 -22.04
N ALA A 123 6.36 0.48 -21.35
CA ALA A 123 6.26 0.24 -19.90
C ALA A 123 6.70 -1.18 -19.58
N GLY A 124 7.43 -1.37 -18.50
CA GLY A 124 7.86 -2.72 -18.09
C GLY A 124 6.75 -3.51 -17.42
N ASP A 125 5.64 -2.82 -17.16
CA ASP A 125 4.48 -3.47 -16.49
C ASP A 125 3.24 -2.59 -16.66
N GLN A 126 2.08 -3.14 -16.29
CA GLN A 126 0.85 -2.33 -16.22
C GLN A 126 0.90 -1.61 -14.87
N GLY A 127 -0.20 -0.99 -14.54
CA GLY A 127 -0.38 -0.37 -13.25
C GLY A 127 -0.82 1.06 -13.36
N HIS A 128 -1.09 1.66 -12.22
CA HIS A 128 -1.48 3.08 -12.19
C HIS A 128 -0.79 3.74 -11.01
N MET A 129 -0.64 5.04 -11.07
CA MET A 129 0.16 5.84 -10.13
C MET A 129 -0.53 7.18 -9.96
N PHE A 130 -0.48 7.71 -8.76
CA PHE A 130 -1.06 9.04 -8.44
C PHE A 130 -0.04 9.99 -7.85
N GLY A 131 -0.20 11.25 -8.25
CA GLY A 131 0.51 12.41 -7.75
C GLY A 131 -0.42 13.35 -7.04
N TYR A 132 0.03 14.01 -5.98
CA TYR A 132 -0.82 14.92 -5.19
C TYR A 132 0.02 16.11 -4.76
N ALA A 133 -0.65 17.26 -4.67
CA ALA A 133 -0.06 18.48 -4.12
C ALA A 133 -1.17 19.29 -3.49
N THR A 134 -0.77 20.12 -2.53
CA THR A 134 -1.69 20.96 -1.74
C THR A 134 -0.92 22.20 -1.30
N ASP A 135 -1.58 23.36 -1.31
CA ASP A 135 -0.90 24.62 -0.95
C ASP A 135 -0.78 24.81 0.53
N GLU A 136 -1.15 23.85 1.37
CA GLU A 136 -1.29 24.07 2.83
C GLU A 136 0.10 24.14 3.50
N THR A 137 1.19 23.67 2.88
CA THR A 137 2.60 23.81 3.32
C THR A 137 3.45 24.33 2.18
N PRO A 138 4.59 24.97 2.47
CA PRO A 138 5.45 25.47 1.43
C PRO A 138 5.98 24.40 0.49
N GLU A 139 6.22 23.17 0.99
CA GLU A 139 6.68 22.07 0.09
C GLU A 139 5.46 21.41 -0.63
N LEU A 140 4.26 21.95 -0.51
CA LEU A 140 3.03 21.58 -1.25
C LEU A 140 2.63 20.13 -0.91
N MET A 141 2.77 19.83 0.38
CA MET A 141 2.44 18.51 0.96
C MET A 141 1.42 18.66 2.06
N PRO A 142 0.66 17.61 2.36
CA PRO A 142 -0.33 17.66 3.46
C PRO A 142 0.35 17.82 4.83
N LEU A 143 -0.20 18.69 5.67
CA LEU A 143 0.47 18.96 6.96
C LEU A 143 0.44 17.74 7.87
N SER A 144 -0.60 16.94 7.92
CA SER A 144 -0.63 15.79 8.84
C SER A 144 0.58 14.89 8.52
N HIS A 145 0.78 14.66 7.23
CA HIS A 145 1.91 13.82 6.77
C HIS A 145 3.24 14.50 7.08
N VAL A 146 3.43 15.74 6.75
CA VAL A 146 4.71 16.48 6.91
C VAL A 146 5.10 16.44 8.40
N LEU A 147 4.15 16.70 9.28
CA LEU A 147 4.49 16.74 10.72
C LEU A 147 4.84 15.35 11.25
N ALA A 148 4.09 14.31 10.89
CA ALA A 148 4.42 12.96 11.37
C ALA A 148 5.83 12.63 10.90
N THR A 149 6.07 12.89 9.63
CA THR A 149 7.37 12.56 8.99
CA THR A 149 7.39 12.52 9.01
C THR A 149 8.52 13.36 9.62
N LYS A 150 8.37 14.67 9.74
CA LYS A 150 9.44 15.52 10.27
C LYS A 150 9.71 15.18 11.72
N ILE A 151 8.71 14.80 12.50
CA ILE A 151 8.96 14.38 13.89
C ILE A 151 9.83 13.13 13.86
N GLY A 152 9.52 12.14 12.99
CA GLY A 152 10.39 10.98 12.84
C GLY A 152 11.80 11.33 12.48
N ALA A 153 11.99 12.21 11.51
CA ALA A 153 13.34 12.56 11.05
C ALA A 153 14.05 13.21 12.25
N ARG A 154 13.34 14.03 13.01
CA ARG A 154 13.94 14.75 14.17
C ARG A 154 14.32 13.73 15.22
N LEU A 155 13.51 12.70 15.45
CA LEU A 155 13.92 11.62 16.41
C LEU A 155 15.25 11.01 15.99
N THR A 156 15.41 10.68 14.72
CA THR A 156 16.68 10.14 14.23
C THR A 156 17.81 11.17 14.46
N GLU A 157 17.55 12.42 14.11
CA GLU A 157 18.57 13.48 14.21
C GLU A 157 19.07 13.65 15.65
N VAL A 158 18.20 13.71 16.63
CA VAL A 158 18.65 13.96 18.04
C VAL A 158 19.29 12.71 18.62
N ARG A 159 19.01 11.53 18.07
CA ARG A 159 19.67 10.30 18.50
C ARG A 159 21.11 10.39 18.01
N LYS A 160 21.29 10.68 16.74
CA LYS A 160 22.61 10.63 16.10
C LYS A 160 23.49 11.81 16.49
N ASN A 161 22.93 12.96 16.84
CA ASN A 161 23.77 14.16 17.12
C ASN A 161 24.01 14.28 18.64
N GLY A 162 23.55 13.31 19.43
CA GLY A 162 23.85 13.28 20.89
C GLY A 162 22.94 14.14 21.72
N THR A 163 21.93 14.82 21.12
CA THR A 163 20.97 15.68 21.84
C THR A 163 20.14 14.82 22.80
N CYS A 164 19.64 13.69 22.32
CA CYS A 164 18.88 12.68 23.09
C CYS A 164 19.57 11.34 22.84
N ARG A 165 20.60 11.05 23.62
CA ARG A 165 21.48 9.88 23.34
C ARG A 165 20.82 8.58 23.83
N TRP A 166 19.76 8.68 24.61
CA TRP A 166 18.97 7.55 25.16
C TRP A 166 18.10 6.94 24.04
N LEU A 167 17.96 7.61 22.92
CA LEU A 167 17.08 7.02 21.86
C LEU A 167 17.70 5.80 21.24
N ARG A 168 16.84 4.91 20.73
CA ARG A 168 17.28 3.79 19.86
C ARG A 168 16.57 3.90 18.51
N PRO A 169 16.98 3.13 17.49
CA PRO A 169 16.58 3.42 16.10
C PRO A 169 15.09 3.29 15.77
N ASP A 170 14.39 2.32 16.35
CA ASP A 170 12.98 2.06 15.95
C ASP A 170 12.03 3.07 16.59
N GLY A 171 10.88 3.27 16.01
CA GLY A 171 9.82 4.09 16.59
C GLY A 171 8.83 4.47 15.52
N LYS A 172 7.78 5.13 15.98
CA LYS A 172 6.64 5.50 15.13
C LYS A 172 6.10 6.83 15.63
N THR A 173 5.49 7.62 14.71
CA THR A 173 4.88 8.92 15.03
C THR A 173 3.53 9.02 14.36
N GLN A 174 2.67 9.86 14.88
CA GLN A 174 1.31 9.98 14.29
C GLN A 174 0.76 11.32 14.68
N VAL A 175 0.22 12.05 13.73
CA VAL A 175 -0.29 13.41 13.94
C VAL A 175 -1.71 13.51 13.38
N THR A 176 -2.60 13.97 14.26
CA THR A 176 -4.00 14.29 13.88
C THR A 176 -4.09 15.80 13.76
N VAL A 177 -4.55 16.27 12.62
CA VAL A 177 -4.70 17.70 12.31
C VAL A 177 -6.19 17.97 12.18
N GLU A 178 -6.63 19.09 12.78
CA GLU A 178 -7.98 19.64 12.61
C GLU A 178 -7.90 20.62 11.43
N TYR A 179 -8.70 20.36 10.40
CA TYR A 179 -8.75 21.08 9.12
C TYR A 179 -10.11 21.77 8.96
N TYR A 180 -10.05 22.86 8.24
CA TYR A 180 -11.18 23.60 7.62
C TYR A 180 -11.14 23.36 6.11
N ASN A 181 -12.29 23.16 5.47
CA ASN A 181 -12.44 23.06 4.00
C ASN A 181 -12.80 24.44 3.46
N ASP A 182 -11.84 25.12 2.83
CA ASP A 182 -12.04 26.45 2.18
C ASP A 182 -12.28 26.23 0.71
N ASN A 183 -13.52 25.97 0.30
CA ASN A 183 -13.93 25.87 -1.12
C ASN A 183 -13.05 24.82 -1.83
N GLY A 184 -12.75 23.73 -1.12
CA GLY A 184 -11.96 22.60 -1.68
C GLY A 184 -10.51 22.58 -1.20
N ALA A 185 -9.99 23.72 -0.81
CA ALA A 185 -8.60 23.83 -0.26
C ALA A 185 -8.61 23.40 1.20
N MET A 186 -7.52 22.74 1.62
CA MET A 186 -7.38 22.24 2.98
C MET A 186 -6.58 23.25 3.81
N VAL A 187 -7.23 23.73 4.84
CA VAL A 187 -6.64 24.79 5.69
C VAL A 187 -6.48 24.22 7.09
N PRO A 188 -5.24 23.88 7.50
CA PRO A 188 -5.07 23.43 8.86
C PRO A 188 -5.43 24.49 9.89
N VAL A 189 -6.09 24.06 10.97
CA VAL A 189 -6.44 24.96 12.09
C VAL A 189 -5.51 24.73 13.26
N ARG A 190 -5.33 23.49 13.65
CA ARG A 190 -4.55 23.17 14.84
C ARG A 190 -4.14 21.71 14.78
N VAL A 191 -3.10 21.39 15.51
CA VAL A 191 -2.76 19.97 15.78
C VAL A 191 -3.61 19.49 16.96
N HIS A 192 -4.33 18.40 16.72
CA HIS A 192 -5.34 17.85 17.66
C HIS A 192 -4.66 16.85 18.59
N THR A 193 -3.86 15.95 18.01
CA THR A 193 -3.21 14.87 18.78
C THR A 193 -1.83 14.59 18.16
N VAL A 194 -0.86 14.42 19.02
CA VAL A 194 0.49 13.95 18.63
C VAL A 194 0.81 12.68 19.40
N LEU A 195 1.25 11.66 18.70
CA LEU A 195 1.59 10.34 19.23
C LEU A 195 3.03 10.09 18.85
N ILE A 196 3.85 9.69 19.81
CA ILE A 196 5.19 9.12 19.52
C ILE A 196 5.36 7.85 20.33
N SER A 197 5.76 6.75 19.71
CA SER A 197 6.22 5.55 20.42
C SER A 197 7.65 5.28 19.95
N THR A 198 8.65 5.53 20.78
CA THR A 198 10.06 5.44 20.38
C THR A 198 10.82 4.45 21.21
N GLN A 199 11.72 3.74 20.56
CA GLN A 199 12.66 2.84 21.23
C GLN A 199 13.64 3.69 22.03
N HIS A 200 14.18 3.12 23.09
CA HIS A 200 15.05 3.84 24.02
C HIS A 200 15.88 2.83 24.83
N ASP A 201 16.88 3.34 25.51
CA ASP A 201 17.80 2.53 26.35
C ASP A 201 17.28 2.57 27.78
N GLU A 202 18.00 1.92 28.70
CA GLU A 202 17.55 1.82 30.11
C GLU A 202 18.01 3.04 30.92
N THR A 203 18.66 4.06 30.33
CA THR A 203 19.33 5.17 31.06
C THR A 203 18.35 6.27 31.43
N VAL A 204 17.15 6.26 30.82
CA VAL A 204 16.18 7.38 30.88
C VAL A 204 14.90 6.96 31.63
N THR A 205 14.41 7.84 32.50
CA THR A 205 13.08 7.69 33.12
C THR A 205 11.95 8.06 32.14
N ASN A 206 10.74 7.57 32.41
CA ASN A 206 9.53 7.94 31.65
C ASN A 206 9.38 9.49 31.65
N ASP A 207 9.64 10.17 32.78
CA ASP A 207 9.45 11.65 32.82
C ASP A 207 10.48 12.31 31.91
N GLU A 208 11.71 11.80 31.90
CA GLU A 208 12.78 12.32 31.02
C GLU A 208 12.37 12.08 29.56
N ILE A 209 11.90 10.89 29.21
CA ILE A 209 11.44 10.61 27.82
C ILE A 209 10.39 11.66 27.44
N ALA A 210 9.41 11.88 28.31
CA ALA A 210 8.28 12.76 27.95
C ALA A 210 8.77 14.20 27.77
N ARG A 211 9.61 14.66 28.70
CA ARG A 211 10.15 16.02 28.60
C ARG A 211 10.98 16.16 27.33
N ASP A 212 11.86 15.20 27.05
CA ASP A 212 12.78 15.35 25.92
C ASP A 212 12.00 15.26 24.61
N LEU A 213 10.99 14.41 24.55
CA LEU A 213 10.21 14.34 23.29
C LEU A 213 9.48 15.66 23.08
N LYS A 214 8.91 16.25 24.11
CA LYS A 214 8.15 17.49 23.92
CA LYS A 214 8.15 17.49 23.97
C LYS A 214 9.13 18.59 23.55
N GLU A 215 10.18 18.77 24.32
CA GLU A 215 11.01 20.00 24.13
C GLU A 215 12.07 19.86 23.03
N HIS A 216 12.64 18.69 22.79
CA HIS A 216 13.66 18.54 21.74
C HIS A 216 13.11 18.09 20.41
N VAL A 217 11.94 17.45 20.41
CA VAL A 217 11.46 16.80 19.16
C VAL A 217 10.21 17.50 18.61
N ILE A 218 9.17 17.56 19.41
CA ILE A 218 7.85 18.07 18.98
C ILE A 218 7.90 19.57 18.78
N LYS A 219 8.27 20.32 19.80
CA LYS A 219 8.17 21.79 19.73
C LYS A 219 9.07 22.38 18.65
N PRO A 220 10.29 21.91 18.37
CA PRO A 220 11.06 22.45 17.25
C PRO A 220 10.42 22.21 15.89
N ILE A 221 9.55 21.20 15.75
CA ILE A 221 9.04 20.75 14.43
C ILE A 221 7.66 21.34 14.15
N ILE A 222 6.78 21.34 15.14
CA ILE A 222 5.38 21.78 14.92
C ILE A 222 5.33 23.28 15.13
N PRO A 223 4.94 24.04 14.10
CA PRO A 223 4.81 25.48 14.31
C PRO A 223 3.94 25.74 15.53
N GLU A 224 4.34 26.70 16.40
CA GLU A 224 3.64 26.94 17.70
C GLU A 224 2.20 27.41 17.43
N LYS A 225 1.91 28.03 16.28
CA LYS A 225 0.53 28.49 15.92
C LYS A 225 -0.44 27.30 15.92
N TYR A 226 0.04 26.08 15.70
CA TYR A 226 -0.84 24.90 15.65
C TYR A 226 -0.93 24.14 16.97
N LEU A 227 -0.15 24.53 18.01
CA LEU A 227 -0.20 23.84 19.31
C LEU A 227 -0.96 24.71 20.29
N ASP A 228 -1.81 24.12 21.10
CA ASP A 228 -2.50 24.89 22.17
C ASP A 228 -2.66 24.01 23.41
N ASP A 229 -3.38 24.54 24.40
CA ASP A 229 -3.54 23.86 25.69
C ASP A 229 -4.41 22.64 25.61
N LYS A 230 -5.16 22.43 24.52
CA LYS A 230 -6.04 21.26 24.37
C LYS A 230 -5.32 20.16 23.52
N THR A 231 -4.19 20.48 22.90
CA THR A 231 -3.51 19.45 22.05
C THR A 231 -3.22 18.24 22.94
N ILE A 232 -3.60 17.05 22.48
CA ILE A 232 -3.35 15.75 23.19
C ILE A 232 -1.99 15.20 22.81
N PHE A 233 -1.17 14.89 23.79
CA PHE A 233 0.12 14.21 23.63
C PHE A 233 0.05 12.79 24.19
N HIS A 234 0.33 11.78 23.36
CA HIS A 234 0.53 10.39 23.76
C HIS A 234 2.01 10.11 23.56
N LEU A 235 2.77 9.88 24.60
CA LEU A 235 4.24 9.74 24.48
C LEU A 235 4.58 8.38 25.08
N ASN A 236 4.98 7.41 24.27
CA ASN A 236 5.16 6.00 24.68
C ASN A 236 3.93 5.57 25.50
N PRO A 237 2.71 5.69 24.98
CA PRO A 237 1.51 5.42 25.78
C PRO A 237 1.47 4.00 26.36
N SER A 238 2.04 3.03 25.63
CA SER A 238 1.94 1.59 25.95
C SER A 238 3.17 1.16 26.77
N GLY A 239 4.04 2.09 27.12
CA GLY A 239 5.08 1.88 28.12
C GLY A 239 6.45 1.68 27.49
N ARG A 240 7.34 0.96 28.16
CA ARG A 240 8.77 1.06 27.75
C ARG A 240 8.99 0.22 26.49
N PHE A 241 10.00 0.60 25.73
CA PHE A 241 10.24 0.13 24.34
C PHE A 241 11.76 0.06 24.19
N VAL A 242 12.39 -1.01 24.65
CA VAL A 242 13.87 -1.08 24.73
CA VAL A 242 13.87 -1.07 24.73
C VAL A 242 14.43 -1.87 23.55
N ILE A 243 13.71 -2.90 23.10
CA ILE A 243 14.24 -3.72 21.98
C ILE A 243 13.28 -3.51 20.79
N GLY A 244 13.86 -3.46 19.63
CA GLY A 244 13.09 -3.04 18.46
C GLY A 244 13.69 -3.58 17.22
N GLY A 245 13.36 -2.96 16.12
CA GLY A 245 13.84 -3.43 14.83
C GLY A 245 13.30 -4.82 14.55
N PRO A 246 14.06 -5.72 13.91
CA PRO A 246 13.53 -7.02 13.58
C PRO A 246 13.36 -8.01 14.71
N HIS A 247 13.89 -7.70 15.90
CA HIS A 247 13.90 -8.69 17.00
C HIS A 247 12.47 -9.12 17.37
N GLY A 248 12.17 -10.42 17.27
CA GLY A 248 10.82 -10.95 17.55
C GLY A 248 9.74 -10.29 16.70
N ASP A 249 10.14 -9.88 15.51
CA ASP A 249 9.22 -9.10 14.63
C ASP A 249 9.58 -9.51 13.19
N ALA A 250 9.15 -8.69 12.24
CA ALA A 250 9.47 -8.99 10.84
C ALA A 250 9.29 -7.75 10.02
N GLY A 251 10.15 -7.57 9.04
CA GLY A 251 10.04 -6.49 8.07
C GLY A 251 10.18 -6.98 6.64
N LEU A 252 9.59 -6.22 5.73
CA LEU A 252 9.61 -6.51 4.29
C LEU A 252 9.71 -5.19 3.56
N THR A 253 10.36 -5.20 2.42
CA THR A 253 10.28 -4.06 1.48
C THR A 253 8.84 -3.76 1.05
N GLY A 254 8.51 -2.50 0.89
CA GLY A 254 7.26 -2.10 0.24
C GLY A 254 6.03 -2.24 1.11
N ARG A 255 6.18 -2.14 2.41
CA ARG A 255 5.10 -2.24 3.38
C ARG A 255 4.80 -0.92 4.05
N LYS A 256 5.33 0.19 3.52
CA LYS A 256 5.11 1.54 4.09
C LYS A 256 4.80 2.52 2.99
N ILE A 257 3.97 2.10 2.04
CA ILE A 257 3.81 2.86 0.76
C ILE A 257 3.05 4.16 0.97
N ILE A 258 2.19 4.21 1.99
CA ILE A 258 1.40 5.44 2.27
C ILE A 258 2.29 6.44 3.00
N ILE A 259 3.12 5.97 3.90
CA ILE A 259 4.18 6.83 4.53
C ILE A 259 5.15 7.34 3.47
N ASP A 260 5.40 6.54 2.46
CA ASP A 260 6.34 6.92 1.38
C ASP A 260 5.78 8.05 0.51
N THR A 261 4.48 8.26 0.53
CA THR A 261 3.80 9.15 -0.40
C THR A 261 3.08 10.30 0.31
N TYR A 262 1.79 10.15 0.60
CA TYR A 262 0.96 11.30 1.02
C TYR A 262 0.20 11.09 2.33
N GLY A 263 0.44 10.00 3.05
CA GLY A 263 -0.14 9.90 4.39
C GLY A 263 -1.64 9.74 4.41
N GLY A 264 -2.23 9.19 3.35
CA GLY A 264 -3.68 8.97 3.24
C GLY A 264 -4.37 9.99 2.37
N TRP A 265 -3.70 11.10 2.13
CA TRP A 265 -4.18 12.12 1.19
C TRP A 265 -4.02 11.67 -0.27
N GLY A 266 -4.68 12.38 -1.20
CA GLY A 266 -4.45 12.05 -2.62
C GLY A 266 -5.00 10.66 -2.90
N ALA A 267 -4.13 9.77 -3.41
CA ALA A 267 -4.52 8.39 -3.73
C ALA A 267 -3.22 7.60 -3.88
N HIS A 268 -3.33 6.30 -4.01
CA HIS A 268 -2.19 5.43 -4.29
C HIS A 268 -2.63 4.35 -5.29
N GLY A 269 -1.74 4.05 -6.21
CA GLY A 269 -2.02 2.97 -7.19
C GLY A 269 -1.52 1.61 -6.75
N GLY A 270 -0.81 1.49 -5.66
CA GLY A 270 -0.37 0.21 -5.05
C GLY A 270 1.09 -0.09 -5.16
N GLY A 271 1.81 0.45 -6.11
CA GLY A 271 3.18 0.00 -6.32
C GLY A 271 4.15 0.61 -5.33
N ALA A 272 5.06 -0.21 -4.83
CA ALA A 272 6.12 0.22 -3.90
C ALA A 272 7.23 0.88 -4.73
N PHE A 273 8.13 1.61 -4.06
CA PHE A 273 9.26 2.29 -4.74
C PHE A 273 10.61 1.64 -4.51
N SER A 274 10.90 1.24 -3.27
CA SER A 274 12.30 0.85 -2.93
C SER A 274 12.71 -0.46 -3.59
N GLY A 275 13.99 -0.48 -4.00
CA GLY A 275 14.59 -1.66 -4.67
C GLY A 275 14.30 -1.72 -6.15
N LYS A 276 13.60 -0.72 -6.71
CA LYS A 276 13.22 -0.65 -8.12
C LYS A 276 14.06 0.39 -8.88
N ASP A 277 14.73 -0.05 -9.95
CA ASP A 277 15.45 0.90 -10.85
C ASP A 277 14.41 1.86 -11.38
N PRO A 278 14.84 3.10 -11.64
CA PRO A 278 13.91 4.15 -11.99
C PRO A 278 13.18 4.02 -13.32
N THR A 279 13.55 3.12 -14.20
CA THR A 279 12.74 2.94 -15.42
C THR A 279 11.42 2.27 -15.07
N LYS A 280 11.34 1.60 -13.93
CA LYS A 280 10.09 0.95 -13.51
C LYS A 280 8.99 1.99 -13.30
N VAL A 281 7.87 1.80 -13.96
CA VAL A 281 6.82 2.84 -13.91
C VAL A 281 6.24 3.01 -12.51
N ASP A 282 6.30 2.01 -11.63
CA ASP A 282 5.80 2.23 -10.25
C ASP A 282 6.54 3.40 -9.58
N ARG A 283 7.80 3.57 -9.95
CA ARG A 283 8.65 4.61 -9.35
C ARG A 283 8.66 5.85 -10.22
N SER A 284 9.16 5.77 -11.46
CA SER A 284 9.20 6.94 -12.34
C SER A 284 7.81 7.51 -12.56
N GLY A 285 6.79 6.69 -12.74
CA GLY A 285 5.43 7.17 -13.03
C GLY A 285 4.92 7.96 -11.83
N ALA A 286 5.12 7.46 -10.62
CA ALA A 286 4.67 8.17 -9.42
C ALA A 286 5.48 9.48 -9.24
N TYR A 287 6.78 9.44 -9.55
CA TYR A 287 7.61 10.67 -9.39
C TYR A 287 7.16 11.76 -10.37
N ILE A 288 6.87 11.39 -11.62
CA ILE A 288 6.42 12.39 -12.64
C ILE A 288 5.03 12.93 -12.29
N VAL A 289 4.11 12.13 -11.75
CA VAL A 289 2.77 12.68 -11.42
C VAL A 289 2.82 13.53 -10.15
N ARG A 290 3.78 13.29 -9.26
CA ARG A 290 4.05 14.27 -8.15
C ARG A 290 4.49 15.58 -8.81
N GLN A 291 5.44 15.47 -9.71
CA GLN A 291 5.96 16.72 -10.37
C GLN A 291 4.82 17.46 -11.04
N ALA A 292 3.95 16.76 -11.77
CA ALA A 292 2.79 17.35 -12.42
C ALA A 292 1.83 18.01 -11.44
N ALA A 293 1.43 17.29 -10.39
CA ALA A 293 0.51 17.84 -9.39
C ALA A 293 1.14 19.04 -8.70
N LYS A 294 2.39 18.95 -8.36
CA LYS A 294 3.10 20.03 -7.67
C LYS A 294 3.18 21.24 -8.62
N SER A 295 3.38 21.01 -9.90
CA SER A 295 3.50 22.13 -10.89
C SER A 295 2.15 22.82 -11.02
N VAL A 296 1.05 22.06 -11.05
CA VAL A 296 -0.31 22.67 -11.16
C VAL A 296 -0.49 23.65 -10.02
N VAL A 297 -0.20 23.25 -8.80
CA VAL A 297 -0.46 24.06 -7.59
C VAL A 297 0.59 25.20 -7.57
N ALA A 298 1.84 24.96 -7.87
CA ALA A 298 2.90 25.99 -7.72
C ALA A 298 2.70 27.11 -8.75
N ASN A 299 2.08 26.78 -9.90
CA ASN A 299 1.82 27.75 -10.99
C ASN A 299 0.52 28.49 -10.69
N GLY A 300 -0.13 28.28 -9.57
CA GLY A 300 -1.33 29.03 -9.16
C GLY A 300 -2.54 28.60 -9.95
N MET A 301 -2.46 27.46 -10.63
CA MET A 301 -3.57 26.94 -11.44
C MET A 301 -4.63 26.27 -10.56
N ALA A 302 -4.28 25.86 -9.35
CA ALA A 302 -5.23 25.27 -8.38
C ALA A 302 -4.58 25.34 -7.00
N ARG A 303 -5.34 25.09 -5.94
CA ARG A 303 -4.80 25.08 -4.57
C ARG A 303 -4.43 23.64 -4.18
N ARG A 304 -5.05 22.67 -4.86
CA ARG A 304 -4.87 21.22 -4.62
C ARG A 304 -4.98 20.50 -5.97
N ALA A 305 -4.26 19.39 -6.17
CA ALA A 305 -4.31 18.67 -7.46
C ALA A 305 -3.99 17.19 -7.20
N LEU A 306 -4.78 16.34 -7.87
CA LEU A 306 -4.58 14.87 -7.93
C LEU A 306 -4.40 14.53 -9.40
N VAL A 307 -3.36 13.75 -9.71
CA VAL A 307 -3.08 13.29 -11.09
C VAL A 307 -2.93 11.78 -11.09
N GLN A 308 -3.65 11.11 -11.98
CA GLN A 308 -3.44 9.65 -12.20
C GLN A 308 -2.79 9.42 -13.55
N VAL A 309 -1.91 8.45 -13.65
CA VAL A 309 -1.42 7.88 -14.95
C VAL A 309 -1.60 6.37 -14.87
N SER A 310 -1.79 5.73 -15.99
CA SER A 310 -1.75 4.26 -16.02
C SER A 310 -1.07 3.76 -17.28
N TYR A 311 -0.59 2.52 -17.24
CA TYR A 311 0.26 1.91 -18.28
C TYR A 311 -0.22 0.50 -18.62
N ALA A 312 0.18 0.07 -19.81
CA ALA A 312 0.14 -1.33 -20.22
C ALA A 312 1.56 -1.82 -20.49
N ILE A 313 1.86 -3.06 -20.10
CA ILE A 313 3.18 -3.68 -20.38
C ILE A 313 3.40 -3.65 -21.90
N GLY A 314 4.58 -3.14 -22.27
CA GLY A 314 5.04 -3.13 -23.67
C GLY A 314 4.59 -1.90 -24.40
N VAL A 315 3.73 -1.07 -23.85
CA VAL A 315 3.20 0.15 -24.52
C VAL A 315 3.86 1.41 -24.00
N PRO A 316 4.49 2.27 -24.84
CA PRO A 316 5.07 3.47 -24.30
C PRO A 316 4.10 4.51 -23.73
N GLU A 317 3.00 4.73 -24.43
CA GLU A 317 2.13 5.86 -24.05
C GLU A 317 1.21 5.38 -22.94
N PRO A 318 0.90 6.24 -21.94
CA PRO A 318 -0.03 5.86 -20.89
C PRO A 318 -1.40 5.49 -21.44
N LEU A 319 -2.09 4.58 -20.77
CA LEU A 319 -3.45 4.18 -21.16
C LEU A 319 -4.44 5.26 -20.78
N SER A 320 -4.18 6.03 -19.72
CA SER A 320 -5.13 7.04 -19.22
C SER A 320 -4.31 8.04 -18.41
N VAL A 321 -4.80 9.26 -18.35
CA VAL A 321 -4.36 10.31 -17.43
C VAL A 321 -5.60 11.04 -16.94
N PHE A 322 -5.59 11.45 -15.69
CA PHE A 322 -6.67 12.13 -14.97
CA PHE A 322 -6.66 12.36 -15.20
C PHE A 322 -6.08 13.32 -14.21
N VAL A 323 -6.76 14.48 -14.17
CA VAL A 323 -6.45 15.58 -13.24
C VAL A 323 -7.71 15.94 -12.50
N ASP A 324 -7.66 16.05 -11.19
CA ASP A 324 -8.82 16.58 -10.41
C ASP A 324 -8.29 17.60 -9.43
N THR A 325 -8.90 18.77 -9.34
CA THR A 325 -8.40 19.82 -8.44
C THR A 325 -9.39 20.11 -7.31
N TYR A 326 -10.30 19.20 -7.01
CA TYR A 326 -11.11 19.32 -5.78
C TYR A 326 -11.88 20.65 -5.76
N GLY A 327 -12.30 21.05 -6.94
CA GLY A 327 -13.03 22.33 -7.11
C GLY A 327 -12.22 23.55 -6.83
N THR A 328 -10.89 23.48 -6.86
CA THR A 328 -9.99 24.61 -6.58
C THR A 328 -9.33 25.15 -7.83
N GLY A 329 -9.45 24.53 -8.99
CA GLY A 329 -8.79 24.99 -10.23
C GLY A 329 -9.36 26.33 -10.69
N LEU A 330 -8.48 27.18 -11.18
CA LEU A 330 -8.89 28.51 -11.71
C LEU A 330 -9.44 28.33 -13.13
N ILE A 331 -9.01 27.31 -13.82
CA ILE A 331 -9.55 26.85 -15.13
C ILE A 331 -10.07 25.43 -14.94
N PRO A 332 -11.03 24.98 -15.75
CA PRO A 332 -11.64 23.68 -15.57
C PRO A 332 -10.59 22.56 -15.73
N ASP A 333 -10.86 21.48 -15.01
CA ASP A 333 -9.91 20.34 -14.98
C ASP A 333 -9.64 19.80 -16.39
N LYS A 334 -10.57 19.83 -17.32
CA LYS A 334 -10.31 19.33 -18.68
C LYS A 334 -9.19 20.15 -19.29
N GLU A 335 -9.15 21.47 -19.00
CA GLU A 335 -8.09 22.34 -19.57
C GLU A 335 -6.75 22.08 -18.88
N ILE A 336 -6.79 21.81 -17.58
CA ILE A 336 -5.55 21.48 -16.85
C ILE A 336 -5.02 20.15 -17.37
N LEU A 337 -5.88 19.16 -17.61
CA LEU A 337 -5.38 17.89 -18.16
C LEU A 337 -4.69 18.11 -19.50
N LYS A 338 -5.25 18.96 -20.35
CA LYS A 338 -4.61 19.27 -21.65
C LYS A 338 -3.21 19.84 -21.42
N ILE A 339 -3.08 20.85 -20.57
CA ILE A 339 -1.79 21.50 -20.24
C ILE A 339 -0.81 20.47 -19.67
N VAL A 340 -1.25 19.62 -18.74
CA VAL A 340 -0.38 18.56 -18.15
C VAL A 340 0.09 17.61 -19.27
N LYS A 341 -0.82 17.15 -20.15
CA LYS A 341 -0.44 16.23 -21.22
C LYS A 341 0.54 16.93 -22.17
N GLU A 342 0.37 18.22 -22.40
CA GLU A 342 1.29 18.94 -23.34
C GLU A 342 2.69 19.13 -22.70
N THR A 343 2.80 19.23 -21.39
CA THR A 343 4.01 19.72 -20.66
C THR A 343 4.83 18.51 -20.21
N PHE A 344 4.19 17.44 -19.77
CA PHE A 344 4.89 16.27 -19.21
C PHE A 344 4.88 15.10 -20.17
N ASP A 345 6.01 14.41 -20.22
CA ASP A 345 6.12 13.21 -21.08
C ASP A 345 6.07 11.97 -20.20
N PHE A 346 4.98 11.23 -20.30
CA PHE A 346 4.74 10.08 -19.42
C PHE A 346 5.29 8.77 -19.96
N ARG A 347 5.98 8.83 -21.08
CA ARG A 347 6.58 7.57 -21.64
C ARG A 347 7.81 7.20 -20.83
N PRO A 348 7.94 5.91 -20.46
CA PRO A 348 8.98 5.50 -19.51
C PRO A 348 10.43 5.75 -19.86
N GLY A 349 10.73 5.65 -21.15
CA GLY A 349 12.11 5.94 -21.60
C GLY A 349 12.44 7.41 -21.47
N MET A 350 11.42 8.22 -21.49
CA MET A 350 11.56 9.69 -21.45
C MET A 350 11.60 10.18 -20.00
N MET A 351 10.77 9.59 -19.14
CA MET A 351 10.68 10.03 -17.74
C MET A 351 12.04 9.88 -17.10
N THR A 352 12.73 8.78 -17.23
CA THR A 352 14.02 8.59 -16.53
CA THR A 352 14.03 8.55 -16.53
C THR A 352 15.06 9.61 -16.99
N ILE A 353 15.05 9.97 -18.27
CA ILE A 353 16.00 10.99 -18.78
C ILE A 353 15.59 12.35 -18.24
N ASN A 354 14.33 12.69 -18.30
CA ASN A 354 13.88 14.05 -17.93
C ASN A 354 14.13 14.26 -16.44
N LEU A 355 14.03 13.22 -15.63
CA LEU A 355 14.23 13.38 -14.17
C LEU A 355 15.62 12.93 -13.74
N ASP A 356 16.51 12.63 -14.69
CA ASP A 356 17.93 12.36 -14.36
C ASP A 356 18.06 11.24 -13.31
N LEU A 357 17.31 10.16 -13.48
CA LEU A 357 17.08 9.18 -12.39
C LEU A 357 18.21 8.16 -12.35
N LYS A 358 19.06 8.06 -13.37
CA LYS A 358 20.17 7.05 -13.36
C LYS A 358 21.53 7.65 -12.92
N ARG A 359 21.61 8.94 -12.56
CA ARG A 359 22.89 9.67 -12.27
C ARG A 359 23.66 9.02 -11.10
N GLY A 360 22.95 8.61 -10.06
CA GLY A 360 23.53 7.65 -9.08
C GLY A 360 24.72 8.15 -8.23
N GLY A 361 24.48 9.23 -7.46
CA GLY A 361 25.46 9.94 -6.62
C GLY A 361 25.49 9.49 -5.17
N ASN A 362 25.22 10.39 -4.22
CA ASN A 362 25.56 10.12 -2.80
C ASN A 362 24.34 9.45 -2.16
N GLY A 363 24.18 8.14 -2.43
CA GLY A 363 23.05 7.39 -1.85
C GLY A 363 21.73 8.01 -2.26
N ARG A 364 21.61 8.31 -3.55
CA ARG A 364 20.48 9.07 -4.13
C ARG A 364 19.12 8.43 -3.81
N PHE A 365 19.00 7.13 -3.99
CA PHE A 365 17.70 6.48 -3.66
C PHE A 365 17.62 6.02 -2.22
N GLN A 366 18.73 5.67 -1.56
CA GLN A 366 18.61 5.33 -0.11
C GLN A 366 18.03 6.52 0.68
N LYS A 367 18.32 7.74 0.23
CA LYS A 367 17.77 8.95 0.92
C LYS A 367 16.25 8.95 0.84
N THR A 368 15.67 8.39 -0.22
CA THR A 368 14.21 8.45 -0.42
C THR A 368 13.54 7.43 0.51
N ALA A 369 14.28 6.42 0.95
CA ALA A 369 13.73 5.18 1.55
C ALA A 369 13.36 5.33 3.04
N ALA A 370 13.64 6.50 3.65
CA ALA A 370 13.04 6.85 4.94
C ALA A 370 12.65 8.31 4.90
N TYR A 371 11.55 8.62 5.57
CA TYR A 371 11.03 10.00 5.78
C TYR A 371 10.54 10.60 4.46
N GLY A 372 10.03 9.75 3.56
CA GLY A 372 9.15 10.20 2.47
C GLY A 372 9.89 10.45 1.16
N HIS A 373 9.23 10.11 0.05
CA HIS A 373 9.82 10.33 -1.29
C HIS A 373 9.48 11.74 -1.76
N PHE A 374 8.49 12.41 -1.13
CA PHE A 374 7.99 13.72 -1.63
C PHE A 374 8.18 14.81 -0.59
N GLY A 375 8.21 16.02 -1.10
CA GLY A 375 8.24 17.23 -0.26
C GLY A 375 9.59 17.50 0.33
N ARG A 376 10.66 16.96 -0.23
CA ARG A 376 12.05 17.19 0.27
C ARG A 376 12.85 18.05 -0.68
N ASP A 377 13.67 18.96 -0.16
CA ASP A 377 14.14 20.02 -1.12
C ASP A 377 15.59 19.79 -1.58
N ASP A 378 16.09 18.59 -1.37
CA ASP A 378 17.39 18.04 -1.83
C ASP A 378 17.38 17.99 -3.35
N PRO A 379 18.42 18.53 -4.05
CA PRO A 379 18.37 18.57 -5.50
C PRO A 379 18.37 17.21 -6.19
N ASP A 380 18.74 16.14 -5.47
CA ASP A 380 18.59 14.80 -6.04
C ASP A 380 17.11 14.43 -6.20
N PHE A 381 16.20 15.12 -5.52
CA PHE A 381 14.76 14.83 -5.64
C PHE A 381 14.27 15.67 -6.82
N THR A 382 14.64 15.27 -8.05
CA THR A 382 14.42 16.07 -9.29
C THR A 382 12.95 16.27 -9.59
N TRP A 383 12.11 15.35 -9.11
CA TRP A 383 10.64 15.40 -9.27
C TRP A 383 10.00 16.44 -8.37
N GLU A 384 10.75 17.11 -7.50
CA GLU A 384 10.20 18.21 -6.66
C GLU A 384 10.41 19.53 -7.36
N VAL A 385 11.15 19.51 -8.47
CA VAL A 385 11.41 20.79 -9.26
C VAL A 385 10.16 21.11 -10.05
N VAL A 386 9.59 22.27 -9.83
CA VAL A 386 8.33 22.69 -10.53
C VAL A 386 8.71 23.00 -11.98
N LYS A 387 7.81 22.65 -12.88
CA LYS A 387 7.91 23.05 -14.31
C LYS A 387 6.98 24.23 -14.49
N PRO A 388 7.42 25.26 -15.25
CA PRO A 388 6.46 26.24 -15.71
C PRO A 388 5.36 25.64 -16.59
N LEU A 389 4.13 26.10 -16.36
CA LEU A 389 2.97 25.71 -17.19
C LEU A 389 2.44 26.94 -17.93
N LYS A 390 2.14 26.73 -19.19
CA LYS A 390 1.55 27.83 -20.00
C LYS A 390 0.03 27.81 -19.84
N TRP A 391 -0.50 28.95 -19.42
CA TRP A 391 -1.95 29.26 -19.36
C TRP A 391 -2.28 30.76 -19.26
N ASP A 392 -1.60 31.64 -20.01
CA ASP A 392 -2.05 33.04 -20.30
C ASP A 392 -1.67 33.96 -19.12
N MET B 4 -20.93 15.91 -23.33
CA MET B 4 -20.91 15.50 -21.88
C MET B 4 -19.45 15.42 -21.41
N GLU B 5 -19.11 16.06 -20.29
CA GLU B 5 -17.72 16.13 -19.76
C GLU B 5 -17.44 14.81 -19.03
N THR B 6 -16.35 14.12 -19.36
CA THR B 6 -16.02 12.84 -18.69
C THR B 6 -14.56 12.87 -18.25
N PHE B 7 -14.16 11.90 -17.46
CA PHE B 7 -12.73 11.71 -17.12
C PHE B 7 -12.48 10.20 -17.07
N LEU B 8 -11.21 9.82 -17.15
CA LEU B 8 -10.82 8.37 -17.19
C LEU B 8 -10.19 7.99 -15.86
N PHE B 9 -10.65 6.90 -15.26
CA PHE B 9 -10.07 6.39 -14.01
C PHE B 9 -9.77 4.92 -14.24
N THR B 10 -8.58 4.51 -13.83
CA THR B 10 -8.11 3.13 -14.04
C THR B 10 -7.88 2.40 -12.72
N SER B 11 -8.26 1.11 -12.67
CA SER B 11 -7.96 0.19 -11.56
C SER B 11 -7.37 -1.09 -12.16
N GLU B 12 -6.63 -1.84 -11.36
CA GLU B 12 -6.10 -3.13 -11.82
C GLU B 12 -6.45 -4.22 -10.85
N SER B 13 -6.05 -5.44 -11.23
CA SER B 13 -6.11 -6.61 -10.36
C SER B 13 -5.00 -7.55 -10.78
N VAL B 14 -4.63 -8.43 -9.88
CA VAL B 14 -3.69 -9.54 -10.25
C VAL B 14 -4.37 -10.85 -9.87
N ASN B 15 -3.98 -11.91 -10.56
CA ASN B 15 -4.60 -13.21 -10.39
C ASN B 15 -4.03 -13.91 -9.16
N GLU B 16 -4.67 -15.01 -8.76
CA GLU B 16 -4.25 -15.74 -7.55
C GLU B 16 -2.87 -16.38 -7.74
N GLY B 17 -2.34 -16.50 -8.94
CA GLY B 17 -0.99 -17.03 -9.12
C GLY B 17 0.07 -15.97 -9.21
N HIS B 18 -0.29 -14.69 -9.13
CA HIS B 18 0.74 -13.64 -9.01
C HIS B 18 1.57 -13.89 -7.76
N PRO B 19 2.91 -13.77 -7.81
CA PRO B 19 3.70 -14.19 -6.66
C PRO B 19 3.41 -13.44 -5.35
N ASP B 20 3.09 -12.13 -5.44
CA ASP B 20 2.71 -11.38 -4.22
C ASP B 20 1.38 -11.89 -3.70
N LYS B 21 0.42 -12.12 -4.59
CA LYS B 21 -0.90 -12.62 -4.14
C LYS B 21 -0.77 -14.02 -3.55
N LEU B 22 0.10 -14.82 -4.13
CA LEU B 22 0.38 -16.17 -3.58
C LEU B 22 0.80 -16.02 -2.12
N CYS B 23 1.67 -15.08 -1.81
CA CYS B 23 2.10 -14.87 -0.43
C CYS B 23 0.92 -14.44 0.47
N ASP B 24 0.04 -13.56 0.00
CA ASP B 24 -1.18 -13.18 0.76
C ASP B 24 -1.97 -14.45 1.10
N GLN B 25 -2.21 -15.29 0.12
CA GLN B 25 -3.04 -16.50 0.31
C GLN B 25 -2.36 -17.47 1.27
N ILE B 26 -1.05 -17.67 1.18
CA ILE B 26 -0.33 -18.53 2.13
C ILE B 26 -0.42 -17.95 3.55
N SER B 27 -0.21 -16.65 3.71
CA SER B 27 -0.28 -15.99 5.00
C SER B 27 -1.65 -16.26 5.64
N ASP B 28 -2.69 -16.03 4.84
CA ASP B 28 -4.05 -16.20 5.39
C ASP B 28 -4.38 -17.67 5.57
N ALA B 29 -3.86 -18.58 4.77
CA ALA B 29 -4.04 -20.03 5.02
C ALA B 29 -3.44 -20.35 6.37
N VAL B 30 -2.25 -19.85 6.74
CA VAL B 30 -1.69 -20.09 8.06
C VAL B 30 -2.61 -19.55 9.14
N LEU B 31 -3.10 -18.32 8.97
CA LEU B 31 -4.04 -17.74 9.96
C LEU B 31 -5.25 -18.65 10.09
N ASP B 32 -5.86 -19.06 8.97
CA ASP B 32 -7.10 -19.88 9.05
C ASP B 32 -6.79 -21.15 9.84
N ALA B 33 -5.62 -21.75 9.61
CA ALA B 33 -5.27 -23.05 10.27
C ALA B 33 -5.19 -22.78 11.78
N CYS B 34 -4.58 -21.69 12.18
CA CYS B 34 -4.42 -21.32 13.59
C CYS B 34 -5.79 -21.09 14.23
N LEU B 35 -6.68 -20.31 13.61
CA LEU B 35 -8.00 -19.97 14.21
C LEU B 35 -8.88 -21.21 14.33
N GLU B 36 -8.72 -22.19 13.43
CA GLU B 36 -9.58 -23.42 13.38
C GLU B 36 -9.33 -24.17 14.70
N GLN B 37 -8.11 -24.16 15.20
CA GLN B 37 -7.82 -24.90 16.47
C GLN B 37 -7.95 -23.93 17.65
N ASP B 38 -7.53 -22.68 17.48
CA ASP B 38 -7.42 -21.73 18.62
C ASP B 38 -7.90 -20.36 18.18
N PRO B 39 -9.20 -20.04 18.40
CA PRO B 39 -9.76 -18.77 17.92
C PRO B 39 -9.06 -17.54 18.53
N ASP B 40 -8.32 -17.72 19.63
CA ASP B 40 -7.61 -16.56 20.28
C ASP B 40 -6.14 -16.44 19.81
N SER B 41 -5.74 -17.20 18.76
CA SER B 41 -4.39 -17.11 18.17
C SER B 41 -4.03 -15.67 17.84
N LYS B 42 -2.80 -15.29 18.18
CA LYS B 42 -2.25 -14.01 17.64
CA LYS B 42 -2.16 -14.02 17.72
C LYS B 42 -1.35 -14.40 16.48
N VAL B 43 -1.57 -13.76 15.33
CA VAL B 43 -0.89 -14.21 14.10
C VAL B 43 -0.40 -12.96 13.39
N ALA B 44 0.87 -12.97 13.05
CA ALA B 44 1.47 -11.96 12.15
C ALA B 44 2.41 -12.66 11.17
N CYS B 45 1.80 -13.44 10.27
CA CYS B 45 2.51 -14.40 9.40
C CYS B 45 2.83 -13.72 8.07
N GLU B 46 4.11 -13.56 7.80
CA GLU B 46 4.66 -12.98 6.57
C GLU B 46 5.11 -14.11 5.67
N THR B 47 4.96 -13.95 4.39
CA THR B 47 5.42 -14.97 3.42
C THR B 47 6.21 -14.24 2.33
N CYS B 48 7.31 -14.84 1.97
CA CYS B 48 8.03 -14.40 0.72
CA CYS B 48 8.16 -14.42 0.79
C CYS B 48 8.40 -15.64 -0.20
N THR B 49 8.56 -15.31 -1.46
CA THR B 49 8.77 -16.38 -2.45
C THR B 49 9.71 -15.85 -3.53
N LYS B 50 10.50 -16.76 -4.08
CA LYS B 50 11.35 -16.50 -5.29
CA LYS B 50 11.40 -16.53 -5.24
C LYS B 50 11.54 -17.86 -5.98
N THR B 51 12.38 -17.91 -6.98
CA THR B 51 12.47 -19.19 -7.74
C THR B 51 12.63 -20.38 -6.81
N ASN B 52 11.76 -21.35 -6.94
CA ASN B 52 11.81 -22.64 -6.21
C ASN B 52 11.91 -22.47 -4.70
N MET B 53 11.31 -21.44 -4.10
CA MET B 53 11.41 -21.22 -2.65
CA MET B 53 11.38 -21.25 -2.64
C MET B 53 10.17 -20.46 -2.13
N VAL B 54 9.65 -20.89 -1.02
CA VAL B 54 8.69 -20.13 -0.19
C VAL B 54 9.21 -20.09 1.23
N MET B 55 9.13 -18.96 1.88
CA MET B 55 9.54 -18.77 3.29
C MET B 55 8.36 -18.16 4.03
N VAL B 56 7.93 -18.80 5.12
CA VAL B 56 7.01 -18.19 6.08
C VAL B 56 7.77 -17.75 7.31
N PHE B 57 7.38 -16.62 7.87
CA PHE B 57 8.14 -16.05 8.99
C PHE B 57 7.23 -15.08 9.71
N GLY B 58 7.74 -14.44 10.75
CA GLY B 58 6.83 -13.66 11.60
C GLY B 58 6.56 -14.36 12.91
N GLU B 59 5.59 -13.90 13.65
CA GLU B 59 5.36 -14.31 15.05
C GLU B 59 3.96 -14.84 15.16
N ILE B 60 3.79 -15.97 15.86
CA ILE B 60 2.45 -16.55 16.13
C ILE B 60 2.42 -16.91 17.63
N THR B 61 1.37 -16.51 18.32
CA THR B 61 1.04 -17.06 19.67
C THR B 61 -0.19 -17.93 19.49
N THR B 62 -0.07 -19.22 19.79
CA THR B 62 -1.20 -20.14 19.53
C THR B 62 -1.09 -21.40 20.38
N LYS B 63 -2.25 -21.97 20.69
CA LYS B 63 -2.32 -23.32 21.28
C LYS B 63 -2.35 -24.36 20.17
N ALA B 64 -2.50 -23.95 18.90
CA ALA B 64 -2.71 -24.87 17.78
C ALA B 64 -1.42 -25.66 17.51
N THR B 65 -1.55 -26.87 16.97
CA THR B 65 -0.41 -27.57 16.37
C THR B 65 -0.58 -27.53 14.86
N ILE B 66 0.32 -26.83 14.18
CA ILE B 66 0.21 -26.48 12.73
C ILE B 66 1.33 -27.17 11.99
N ASP B 67 0.99 -27.84 10.92
CA ASP B 67 1.99 -28.35 9.93
C ASP B 67 2.22 -27.25 8.90
N TYR B 68 3.13 -26.34 9.15
CA TYR B 68 3.31 -25.12 8.34
C TYR B 68 3.75 -25.51 6.95
N GLU B 69 4.59 -26.51 6.82
CA GLU B 69 5.10 -26.89 5.49
C GLU B 69 3.91 -27.37 4.64
N LYS B 70 3.08 -28.24 5.21
CA LYS B 70 1.90 -28.75 4.48
C LYS B 70 0.99 -27.61 4.05
N ILE B 71 0.68 -26.67 4.92
CA ILE B 71 -0.20 -25.53 4.55
C ILE B 71 0.40 -24.79 3.33
N VAL B 72 1.70 -24.55 3.35
CA VAL B 72 2.38 -23.89 2.21
C VAL B 72 2.19 -24.71 0.94
N ARG B 73 2.54 -26.00 0.97
CA ARG B 73 2.55 -26.83 -0.26
C ARG B 73 1.10 -27.01 -0.73
N ASP B 74 0.17 -27.23 0.20
CA ASP B 74 -1.25 -27.39 -0.19
C ASP B 74 -1.78 -26.11 -0.84
N THR B 75 -1.43 -24.94 -0.30
CA THR B 75 -1.91 -23.66 -0.83
C THR B 75 -1.38 -23.50 -2.26
N CYS B 76 -0.07 -23.68 -2.40
CA CYS B 76 0.58 -23.54 -3.74
C CYS B 76 -0.07 -24.54 -4.73
N ARG B 77 -0.17 -25.80 -4.31
CA ARG B 77 -0.64 -26.88 -5.22
C ARG B 77 -2.06 -26.58 -5.67
N SER B 78 -2.90 -26.18 -4.73
CA SER B 78 -4.31 -25.82 -5.07
CA SER B 78 -4.36 -25.86 -5.10
C SER B 78 -4.56 -24.63 -6.08
N ILE B 79 -3.64 -23.68 -5.95
CA ILE B 79 -3.64 -22.53 -6.91
C ILE B 79 -3.26 -23.00 -8.32
N GLY B 80 -2.46 -24.04 -8.43
CA GLY B 80 -2.05 -24.61 -9.71
C GLY B 80 -0.55 -24.66 -9.89
N PHE B 81 0.23 -24.40 -8.85
CA PHE B 81 1.71 -24.48 -8.88
C PHE B 81 2.08 -25.93 -8.68
N ILE B 82 2.08 -26.66 -9.80
CA ILE B 82 2.23 -28.14 -9.81
C ILE B 82 3.41 -28.58 -10.67
N SER B 83 4.23 -27.66 -11.18
CA SER B 83 5.35 -28.02 -12.08
C SER B 83 6.30 -26.86 -12.24
N ASP B 84 7.57 -27.15 -12.40
CA ASP B 84 8.54 -26.08 -12.70
C ASP B 84 8.17 -25.36 -14.01
N ASP B 85 7.48 -26.01 -14.93
CA ASP B 85 7.10 -25.33 -16.19
C ASP B 85 6.11 -24.21 -15.90
N VAL B 86 5.21 -24.37 -14.92
CA VAL B 86 4.20 -23.34 -14.54
CA VAL B 86 4.22 -23.28 -14.65
C VAL B 86 4.90 -22.21 -13.78
N GLY B 87 5.99 -22.53 -13.10
CA GLY B 87 6.83 -21.53 -12.43
C GLY B 87 7.05 -21.78 -10.96
N LEU B 88 6.44 -22.85 -10.43
CA LEU B 88 6.67 -23.32 -9.06
C LEU B 88 6.03 -24.69 -8.94
N ASP B 89 6.76 -25.67 -8.43
CA ASP B 89 6.23 -27.00 -8.14
C ASP B 89 6.09 -27.16 -6.63
N ALA B 90 4.84 -27.13 -6.15
CA ALA B 90 4.52 -27.31 -4.73
C ALA B 90 5.18 -28.56 -4.17
N ASP B 91 5.42 -29.58 -5.01
CA ASP B 91 6.00 -30.87 -4.58
C ASP B 91 7.47 -31.01 -4.97
N LYS B 92 8.15 -29.91 -5.18
CA LYS B 92 9.64 -29.87 -5.29
C LYS B 92 10.26 -28.73 -4.51
N CYS B 93 9.58 -27.59 -4.32
CA CYS B 93 10.22 -26.35 -3.92
C CYS B 93 10.71 -26.40 -2.48
N LYS B 94 11.67 -25.56 -2.20
CA LYS B 94 12.12 -25.31 -0.83
CA LYS B 94 12.11 -25.32 -0.81
C LYS B 94 10.97 -24.63 -0.05
N VAL B 95 10.71 -25.08 1.18
CA VAL B 95 9.78 -24.42 2.12
C VAL B 95 10.53 -24.16 3.41
N LEU B 96 10.81 -22.90 3.70
CA LEU B 96 11.56 -22.46 4.88
C LEU B 96 10.56 -21.98 5.91
N VAL B 97 10.43 -22.73 7.00
CA VAL B 97 9.48 -22.36 8.08
C VAL B 97 10.27 -21.63 9.15
N ASN B 98 10.19 -20.30 9.14
CA ASN B 98 11.00 -19.43 10.01
C ASN B 98 10.07 -18.66 10.95
N ILE B 99 8.89 -19.17 11.21
CA ILE B 99 7.96 -18.56 12.21
C ILE B 99 8.51 -18.72 13.60
N GLU B 100 8.36 -17.70 14.41
CA GLU B 100 8.59 -17.81 15.89
C GLU B 100 7.23 -18.06 16.55
N GLN B 101 6.98 -19.29 17.02
CA GLN B 101 5.67 -19.72 17.55
C GLN B 101 5.82 -19.85 19.04
N GLN B 102 4.94 -19.19 19.82
CA GLN B 102 4.92 -19.42 21.29
C GLN B 102 3.51 -19.72 21.76
N SER B 103 3.41 -20.34 22.95
CA SER B 103 2.15 -20.57 23.70
C SER B 103 1.77 -19.28 24.41
N PRO B 104 0.46 -19.03 24.64
CA PRO B 104 0.02 -17.88 25.44
C PRO B 104 0.48 -17.94 26.90
N LYS B 116 -9.76 -8.76 30.58
CA LYS B 116 -10.60 -9.56 29.66
C LYS B 116 -11.89 -8.80 29.27
N ARG B 117 -12.20 -7.62 29.80
CA ARG B 117 -13.43 -6.89 29.39
C ARG B 117 -13.13 -6.33 28.01
N PRO B 118 -13.83 -6.80 26.98
CA PRO B 118 -13.49 -6.48 25.61
C PRO B 118 -13.37 -4.97 25.37
N GLU B 119 -14.23 -4.19 26.00
CA GLU B 119 -14.32 -2.73 25.76
C GLU B 119 -13.07 -2.05 26.28
N ASP B 120 -12.32 -2.73 27.11
CA ASP B 120 -11.10 -2.15 27.71
C ASP B 120 -9.83 -2.55 26.98
N ILE B 121 -9.91 -3.38 25.96
CA ILE B 121 -8.72 -3.84 25.18
C ILE B 121 -8.19 -2.65 24.35
N GLY B 122 -6.94 -2.29 24.60
CA GLY B 122 -6.27 -1.25 23.79
C GLY B 122 -5.89 -1.75 22.42
N ALA B 123 -5.76 -0.84 21.47
CA ALA B 123 -5.26 -1.17 20.13
C ALA B 123 -3.85 -1.78 20.24
N GLY B 124 -3.57 -2.76 19.41
CA GLY B 124 -2.26 -3.43 19.43
C GLY B 124 -1.21 -2.64 18.66
N ASP B 125 -1.63 -1.51 18.10
CA ASP B 125 -0.68 -0.63 17.37
C ASP B 125 -1.35 0.68 17.08
N GLN B 126 -0.58 1.62 16.55
CA GLN B 126 -1.11 2.87 16.02
C GLN B 126 -1.55 2.59 14.59
N GLY B 127 -1.93 3.64 13.90
CA GLY B 127 -2.25 3.56 12.49
C GLY B 127 -3.57 4.17 12.12
N HIS B 128 -3.86 4.25 10.83
CA HIS B 128 -5.17 4.73 10.39
C HIS B 128 -5.66 3.88 9.23
N MET B 129 -6.96 3.92 9.02
CA MET B 129 -7.63 3.03 8.10
C MET B 129 -8.79 3.78 7.46
N PHE B 130 -9.07 3.49 6.22
CA PHE B 130 -10.18 4.12 5.47
C PHE B 130 -11.13 3.05 4.91
N GLY B 131 -12.41 3.46 4.95
CA GLY B 131 -13.49 2.73 4.28
C GLY B 131 -14.20 3.58 3.24
N TYR B 132 -14.68 2.92 2.20
CA TYR B 132 -15.28 3.69 1.09
C TYR B 132 -16.46 2.91 0.51
N ALA B 133 -17.43 3.66 0.02
CA ALA B 133 -18.53 3.05 -0.72
C ALA B 133 -19.06 4.05 -1.74
N THR B 134 -19.69 3.53 -2.76
CA THR B 134 -20.20 4.35 -3.87
C THR B 134 -21.41 3.64 -4.43
N ASP B 135 -22.45 4.38 -4.78
CA ASP B 135 -23.69 3.77 -5.31
C ASP B 135 -23.59 3.34 -6.78
N GLU B 136 -22.43 3.40 -7.39
CA GLU B 136 -22.31 3.21 -8.84
C GLU B 136 -22.42 1.72 -9.24
N THR B 137 -22.28 0.77 -8.29
CA THR B 137 -22.54 -0.69 -8.50
C THR B 137 -23.42 -1.20 -7.37
N PRO B 138 -24.17 -2.30 -7.59
CA PRO B 138 -25.01 -2.88 -6.55
C PRO B 138 -24.27 -3.27 -5.26
N GLU B 139 -23.02 -3.75 -5.39
CA GLU B 139 -22.16 -4.06 -4.22
C GLU B 139 -21.51 -2.81 -3.62
N LEU B 140 -21.81 -1.62 -4.11
CA LEU B 140 -21.39 -0.32 -3.54
C LEU B 140 -19.86 -0.16 -3.60
N MET B 141 -19.30 -0.61 -4.69
CA MET B 141 -17.86 -0.55 -4.99
C MET B 141 -17.64 0.18 -6.30
N PRO B 142 -16.43 0.74 -6.50
CA PRO B 142 -16.12 1.42 -7.77
C PRO B 142 -16.06 0.45 -8.95
N LEU B 143 -16.65 0.85 -10.06
CA LEU B 143 -16.78 -0.04 -11.22
C LEU B 143 -15.41 -0.42 -11.79
N SER B 144 -14.46 0.50 -11.86
CA SER B 144 -13.14 0.20 -12.43
C SER B 144 -12.52 -0.97 -11.68
N HIS B 145 -12.61 -0.89 -10.36
CA HIS B 145 -12.08 -1.93 -9.46
C HIS B 145 -12.85 -3.21 -9.62
N VAL B 146 -14.18 -3.12 -9.61
CA VAL B 146 -15.03 -4.34 -9.70
C VAL B 146 -14.74 -5.07 -11.00
N LEU B 147 -14.65 -4.36 -12.13
CA LEU B 147 -14.47 -5.04 -13.44
C LEU B 147 -13.06 -5.66 -13.51
N ALA B 148 -12.02 -4.97 -13.07
CA ALA B 148 -10.68 -5.53 -13.09
C ALA B 148 -10.69 -6.84 -12.29
N THR B 149 -11.25 -6.75 -11.10
CA THR B 149 -11.24 -7.87 -10.13
CA THR B 149 -11.22 -7.90 -10.13
C THR B 149 -12.06 -9.05 -10.68
N LYS B 150 -13.27 -8.77 -11.16
CA LYS B 150 -14.14 -9.89 -11.61
C LYS B 150 -13.52 -10.54 -12.86
N ILE B 151 -12.88 -9.79 -13.74
CA ILE B 151 -12.18 -10.39 -14.89
C ILE B 151 -11.12 -11.39 -14.35
N GLY B 152 -10.33 -10.99 -13.38
CA GLY B 152 -9.34 -11.85 -12.72
C GLY B 152 -9.99 -13.09 -12.17
N ALA B 153 -11.05 -12.93 -11.40
CA ALA B 153 -11.71 -14.08 -10.75
C ALA B 153 -12.23 -15.02 -11.86
N ARG B 154 -12.74 -14.48 -12.92
CA ARG B 154 -13.25 -15.27 -14.08
C ARG B 154 -12.11 -15.99 -14.78
N LEU B 155 -10.92 -15.42 -14.96
CA LEU B 155 -9.73 -16.12 -15.47
C LEU B 155 -9.46 -17.31 -14.60
N THR B 156 -9.50 -17.16 -13.29
CA THR B 156 -9.21 -18.34 -12.41
C THR B 156 -10.34 -19.37 -12.59
N GLU B 157 -11.56 -18.90 -12.65
CA GLU B 157 -12.72 -19.84 -12.72
C GLU B 157 -12.63 -20.69 -13.99
N VAL B 158 -12.40 -20.09 -15.17
CA VAL B 158 -12.42 -20.85 -16.44
C VAL B 158 -11.20 -21.73 -16.56
N ARG B 159 -10.11 -21.42 -15.88
CA ARG B 159 -8.98 -22.37 -15.80
C ARG B 159 -9.39 -23.61 -14.97
N LYS B 160 -9.89 -23.39 -13.80
CA LYS B 160 -10.17 -24.48 -12.85
C LYS B 160 -11.36 -25.32 -13.26
N ASN B 161 -12.34 -24.76 -13.99
CA ASN B 161 -13.59 -25.50 -14.32
C ASN B 161 -13.44 -26.15 -15.69
N GLY B 162 -12.29 -26.02 -16.34
CA GLY B 162 -11.96 -26.72 -17.59
C GLY B 162 -12.50 -26.04 -18.83
N THR B 163 -13.07 -24.85 -18.70
CA THR B 163 -13.58 -24.08 -19.85
C THR B 163 -12.41 -23.61 -20.70
N CYS B 164 -11.38 -23.01 -20.09
CA CYS B 164 -10.13 -22.61 -20.78
C CYS B 164 -8.99 -23.32 -20.07
N ARG B 165 -8.72 -24.57 -20.47
CA ARG B 165 -7.73 -25.43 -19.78
C ARG B 165 -6.30 -25.00 -20.07
N TRP B 166 -6.09 -24.13 -21.08
CA TRP B 166 -4.79 -23.59 -21.57
C TRP B 166 -4.27 -22.48 -20.65
N LEU B 167 -5.11 -22.01 -19.74
CA LEU B 167 -4.69 -20.97 -18.78
C LEU B 167 -3.72 -21.53 -17.74
N ARG B 168 -2.87 -20.66 -17.25
CA ARG B 168 -2.01 -20.96 -16.08
C ARG B 168 -2.31 -19.92 -15.01
N PRO B 169 -1.80 -20.12 -13.79
CA PRO B 169 -2.35 -19.37 -12.67
C PRO B 169 -2.05 -17.85 -12.57
N ASP B 170 -0.90 -17.42 -13.10
CA ASP B 170 -0.46 -16.00 -13.04
C ASP B 170 -1.19 -15.14 -14.08
N GLY B 171 -1.28 -13.86 -13.81
CA GLY B 171 -1.87 -12.90 -14.75
C GLY B 171 -2.30 -11.65 -14.07
N LYS B 172 -2.62 -10.69 -14.90
CA LYS B 172 -3.00 -9.37 -14.42
C LYS B 172 -4.10 -8.83 -15.31
N THR B 173 -4.95 -7.97 -14.76
CA THR B 173 -6.05 -7.32 -15.49
C THR B 173 -6.09 -5.84 -15.13
N GLN B 174 -6.64 -5.04 -16.04
CA GLN B 174 -6.69 -3.57 -15.76
C GLN B 174 -7.83 -2.96 -16.57
N VAL B 175 -8.64 -2.14 -15.97
CA VAL B 175 -9.82 -1.55 -16.66
C VAL B 175 -9.80 -0.04 -16.41
N THR B 176 -9.92 0.70 -17.51
CA THR B 176 -10.08 2.15 -17.51
C THR B 176 -11.55 2.42 -17.78
N VAL B 177 -12.19 3.15 -16.89
CA VAL B 177 -13.62 3.50 -17.03
C VAL B 177 -13.72 4.99 -17.29
N GLU B 178 -14.60 5.36 -18.21
CA GLU B 178 -14.96 6.78 -18.45
C GLU B 178 -16.17 7.12 -17.57
N TYR B 179 -15.98 8.12 -16.72
CA TYR B 179 -16.94 8.57 -15.69
C TYR B 179 -17.43 9.99 -15.98
N TYR B 180 -18.67 10.20 -15.57
CA TYR B 180 -19.33 11.51 -15.40
C TYR B 180 -19.42 11.80 -13.90
N ASN B 181 -19.14 13.03 -13.50
CA ASN B 181 -19.39 13.55 -12.13
C ASN B 181 -20.81 14.15 -12.08
N ASP B 182 -21.68 13.55 -11.28
CA ASP B 182 -23.09 14.01 -11.06
C ASP B 182 -23.13 14.61 -9.66
N ASN B 183 -22.68 15.85 -9.49
CA ASN B 183 -22.75 16.57 -8.18
C ASN B 183 -22.05 15.77 -7.07
N GLY B 184 -20.93 15.17 -7.42
CA GLY B 184 -20.04 14.43 -6.49
C GLY B 184 -20.17 12.93 -6.64
N ALA B 185 -21.28 12.48 -7.19
CA ALA B 185 -21.56 11.03 -7.38
C ALA B 185 -20.87 10.63 -8.67
N MET B 186 -20.31 9.42 -8.67
CA MET B 186 -19.57 8.89 -9.83
C MET B 186 -20.52 8.03 -10.69
N VAL B 187 -20.66 8.42 -11.96
CA VAL B 187 -21.59 7.74 -12.89
C VAL B 187 -20.77 7.17 -14.04
N PRO B 188 -20.55 5.84 -14.06
CA PRO B 188 -19.89 5.23 -15.19
C PRO B 188 -20.64 5.47 -16.50
N VAL B 189 -19.92 5.88 -17.52
CA VAL B 189 -20.45 6.06 -18.90
C VAL B 189 -20.10 4.83 -19.75
N ARG B 190 -18.82 4.44 -19.81
CA ARG B 190 -18.42 3.35 -20.69
C ARG B 190 -17.08 2.81 -20.21
N VAL B 191 -16.79 1.59 -20.58
CA VAL B 191 -15.40 1.06 -20.43
C VAL B 191 -14.55 1.54 -21.59
N HIS B 192 -13.48 2.21 -21.26
CA HIS B 192 -12.56 2.85 -22.23
C HIS B 192 -11.53 1.84 -22.74
N THR B 193 -10.88 1.14 -21.81
CA THR B 193 -9.75 0.27 -22.15
C THR B 193 -9.79 -0.97 -21.21
N VAL B 194 -9.68 -2.15 -21.77
CA VAL B 194 -9.53 -3.44 -21.03
C VAL B 194 -8.17 -4.03 -21.37
N LEU B 195 -7.38 -4.34 -20.37
CA LEU B 195 -6.07 -4.98 -20.46
C LEU B 195 -6.13 -6.29 -19.70
N ILE B 196 -5.65 -7.34 -20.37
CA ILE B 196 -5.41 -8.65 -19.73
C ILE B 196 -4.04 -9.11 -20.18
N SER B 197 -3.20 -9.47 -19.22
CA SER B 197 -1.96 -10.21 -19.50
C SER B 197 -2.06 -11.51 -18.72
N THR B 198 -2.24 -12.63 -19.38
CA THR B 198 -2.44 -13.91 -18.64
C THR B 198 -1.40 -14.94 -19.00
N GLN B 199 -0.99 -15.69 -18.02
CA GLN B 199 -0.14 -16.88 -18.22
C GLN B 199 -0.96 -17.95 -18.98
N HIS B 200 -0.25 -18.78 -19.75
CA HIS B 200 -0.90 -19.83 -20.58
C HIS B 200 0.16 -20.88 -20.89
N ASP B 201 -0.37 -22.00 -21.38
CA ASP B 201 0.49 -23.12 -21.82
C ASP B 201 0.86 -22.97 -23.29
N GLU B 202 1.58 -23.99 -23.79
CA GLU B 202 2.15 -23.98 -25.16
C GLU B 202 1.15 -24.53 -26.16
N THR B 203 -0.07 -24.89 -25.75
CA THR B 203 -1.07 -25.58 -26.62
C THR B 203 -1.92 -24.59 -27.42
N VAL B 204 -1.82 -23.30 -27.13
CA VAL B 204 -2.79 -22.30 -27.62
C VAL B 204 -2.06 -21.26 -28.46
N THR B 205 -2.61 -20.89 -29.61
CA THR B 205 -2.06 -19.81 -30.44
C THR B 205 -2.44 -18.44 -29.88
N ASN B 206 -1.75 -17.37 -30.29
CA ASN B 206 -2.17 -16.00 -29.89
C ASN B 206 -3.62 -15.72 -30.31
N ASP B 207 -4.07 -16.16 -31.49
CA ASP B 207 -5.47 -15.88 -31.94
C ASP B 207 -6.49 -16.63 -31.06
N GLU B 208 -6.18 -17.85 -30.62
CA GLU B 208 -7.09 -18.62 -29.74
C GLU B 208 -7.14 -17.90 -28.39
N ILE B 209 -6.01 -17.44 -27.89
CA ILE B 209 -5.99 -16.68 -26.61
C ILE B 209 -6.90 -15.47 -26.73
N ALA B 210 -6.79 -14.70 -27.82
CA ALA B 210 -7.54 -13.45 -27.94
C ALA B 210 -9.02 -13.79 -28.03
N ARG B 211 -9.37 -14.77 -28.86
CA ARG B 211 -10.78 -15.17 -29.00
C ARG B 211 -11.36 -15.63 -27.65
N ASP B 212 -10.70 -16.54 -26.98
CA ASP B 212 -11.19 -17.10 -25.73
C ASP B 212 -11.30 -16.00 -24.69
N LEU B 213 -10.32 -15.11 -24.60
CA LEU B 213 -10.44 -14.06 -23.55
C LEU B 213 -11.69 -13.21 -23.84
N LYS B 214 -11.94 -12.90 -25.11
CA LYS B 214 -13.09 -12.04 -25.48
CA LYS B 214 -13.10 -12.05 -25.50
C LYS B 214 -14.39 -12.79 -25.15
N GLU B 215 -14.51 -14.06 -25.58
CA GLU B 215 -15.82 -14.72 -25.44
C GLU B 215 -16.08 -15.36 -24.09
N HIS B 216 -15.09 -15.95 -23.43
CA HIS B 216 -15.25 -16.70 -22.18
C HIS B 216 -15.04 -15.81 -20.96
N VAL B 217 -14.23 -14.74 -21.12
CA VAL B 217 -13.81 -13.94 -19.95
C VAL B 217 -14.42 -12.52 -19.94
N ILE B 218 -14.19 -11.73 -20.93
CA ILE B 218 -14.66 -10.32 -21.00
C ILE B 218 -16.16 -10.24 -21.18
N LYS B 219 -16.70 -10.89 -22.23
CA LYS B 219 -18.14 -10.68 -22.54
C LYS B 219 -19.02 -11.12 -21.40
N PRO B 220 -18.78 -12.26 -20.69
CA PRO B 220 -19.62 -12.62 -19.55
C PRO B 220 -19.58 -11.63 -18.39
N ILE B 221 -18.51 -10.83 -18.29
CA ILE B 221 -18.24 -10.08 -17.02
C ILE B 221 -18.63 -8.61 -17.19
N ILE B 222 -18.26 -8.03 -18.30
CA ILE B 222 -18.50 -6.57 -18.52
C ILE B 222 -19.92 -6.39 -19.06
N PRO B 223 -20.78 -5.66 -18.33
CA PRO B 223 -22.12 -5.38 -18.83
C PRO B 223 -22.02 -4.78 -20.23
N GLU B 224 -22.86 -5.30 -21.14
CA GLU B 224 -22.92 -4.87 -22.56
C GLU B 224 -23.10 -3.36 -22.70
N LYS B 225 -23.88 -2.77 -21.80
CA LYS B 225 -24.20 -1.31 -21.84
C LYS B 225 -22.90 -0.49 -21.72
N TYR B 226 -21.78 -1.06 -21.23
CA TYR B 226 -20.54 -0.26 -21.06
C TYR B 226 -19.55 -0.50 -22.20
N LEU B 227 -19.83 -1.43 -23.12
CA LEU B 227 -18.88 -1.77 -24.21
C LEU B 227 -19.37 -1.13 -25.50
N ASP B 228 -18.46 -0.62 -26.30
CA ASP B 228 -18.85 -0.09 -27.62
C ASP B 228 -17.71 -0.34 -28.60
N ASP B 229 -17.93 0.02 -29.87
CA ASP B 229 -16.96 -0.16 -30.97
C ASP B 229 -15.65 0.59 -30.78
N LYS B 230 -15.54 1.51 -29.80
CA LYS B 230 -14.31 2.28 -29.57
C LYS B 230 -13.56 1.73 -28.35
N THR B 231 -14.16 0.84 -27.57
CA THR B 231 -13.46 0.23 -26.38
C THR B 231 -12.15 -0.38 -26.88
N ILE B 232 -11.06 -0.09 -26.20
CA ILE B 232 -9.72 -0.57 -26.59
C ILE B 232 -9.44 -1.85 -25.80
N PHE B 233 -8.96 -2.88 -26.48
CA PHE B 233 -8.59 -4.17 -25.85
C PHE B 233 -7.10 -4.40 -26.06
N HIS B 234 -6.37 -4.65 -25.01
CA HIS B 234 -4.95 -5.02 -25.05
C HIS B 234 -4.91 -6.43 -24.49
N LEU B 235 -4.62 -7.45 -25.28
CA LEU B 235 -4.71 -8.84 -24.79
C LEU B 235 -3.33 -9.45 -24.93
N ASN B 236 -2.69 -9.76 -23.83
CA ASN B 236 -1.26 -10.15 -23.83
C ASN B 236 -0.47 -9.22 -24.74
N PRO B 237 -0.48 -7.89 -24.53
CA PRO B 237 0.12 -6.99 -25.48
C PRO B 237 1.63 -7.16 -25.61
N SER B 238 2.29 -7.69 -24.59
CA SER B 238 3.77 -7.84 -24.61
C SER B 238 4.19 -9.22 -25.10
N GLY B 239 3.24 -10.06 -25.51
CA GLY B 239 3.55 -11.36 -26.12
C GLY B 239 3.33 -12.49 -25.14
N ARG B 240 3.95 -13.61 -25.42
CA ARG B 240 3.57 -14.85 -24.72
C ARG B 240 4.13 -14.86 -23.31
N PHE B 241 3.42 -15.58 -22.47
CA PHE B 241 3.55 -15.61 -21.00
C PHE B 241 3.32 -17.05 -20.57
N VAL B 242 4.37 -17.87 -20.60
CA VAL B 242 4.20 -19.33 -20.33
CA VAL B 242 4.21 -19.32 -20.33
C VAL B 242 4.64 -19.68 -18.89
N ILE B 243 5.63 -19.00 -18.37
CA ILE B 243 6.11 -19.29 -17.00
C ILE B 243 5.83 -18.08 -16.14
N GLY B 244 5.51 -18.32 -14.89
CA GLY B 244 5.01 -17.22 -14.05
C GLY B 244 5.19 -17.52 -12.60
N GLY B 245 4.36 -16.92 -11.77
CA GLY B 245 4.52 -17.09 -10.34
C GLY B 245 5.89 -16.58 -9.90
N PRO B 246 6.51 -17.26 -8.93
CA PRO B 246 7.79 -16.76 -8.40
C PRO B 246 9.02 -17.02 -9.28
N HIS B 247 8.88 -17.76 -10.36
CA HIS B 247 10.06 -18.15 -11.17
C HIS B 247 10.74 -16.90 -11.75
N GLY B 248 12.01 -16.71 -11.40
CA GLY B 248 12.82 -15.54 -11.83
C GLY B 248 12.13 -14.25 -11.39
N ASP B 249 11.48 -14.30 -10.26
CA ASP B 249 10.64 -13.18 -9.78
C ASP B 249 10.71 -13.19 -8.25
N ALA B 250 9.81 -12.49 -7.63
CA ALA B 250 9.71 -12.50 -6.18
C ALA B 250 8.36 -11.99 -5.74
N GLY B 251 7.88 -12.55 -4.64
CA GLY B 251 6.61 -12.16 -4.04
C GLY B 251 6.77 -11.97 -2.55
N LEU B 252 5.93 -11.13 -1.99
CA LEU B 252 5.89 -10.80 -0.55
C LEU B 252 4.44 -10.58 -0.14
N THR B 253 4.09 -10.92 1.07
CA THR B 253 2.80 -10.57 1.66
C THR B 253 2.64 -9.04 1.69
N GLY B 254 1.46 -8.54 1.45
CA GLY B 254 1.16 -7.13 1.75
C GLY B 254 1.64 -6.20 0.68
N ARG B 255 1.80 -6.66 -0.56
CA ARG B 255 2.27 -5.85 -1.69
C ARG B 255 1.16 -5.60 -2.71
N LYS B 256 -0.10 -5.84 -2.37
CA LYS B 256 -1.24 -5.64 -3.27
C LYS B 256 -2.38 -4.98 -2.53
N ILE B 257 -2.06 -3.96 -1.71
CA ILE B 257 -3.03 -3.47 -0.71
C ILE B 257 -4.11 -2.60 -1.37
N ILE B 258 -3.84 -2.03 -2.55
CA ILE B 258 -4.82 -1.23 -3.31
C ILE B 258 -5.80 -2.14 -4.05
N ILE B 259 -5.29 -3.23 -4.59
CA ILE B 259 -6.14 -4.31 -5.18
C ILE B 259 -6.98 -4.93 -4.06
N ASP B 260 -6.46 -5.02 -2.87
CA ASP B 260 -7.20 -5.65 -1.75
C ASP B 260 -8.40 -4.77 -1.34
N THR B 261 -8.37 -3.47 -1.68
CA THR B 261 -9.33 -2.48 -1.12
C THR B 261 -10.16 -1.85 -2.22
N TYR B 262 -9.75 -0.67 -2.73
CA TYR B 262 -10.67 0.12 -3.59
C TYR B 262 -10.07 0.52 -4.93
N GLY B 263 -8.93 0.01 -5.32
CA GLY B 263 -8.45 0.20 -6.69
C GLY B 263 -8.12 1.67 -6.99
N GLY B 264 -7.64 2.42 -6.00
CA GLY B 264 -7.27 3.83 -6.21
C GLY B 264 -8.32 4.77 -5.70
N TRP B 265 -9.54 4.33 -5.55
CA TRP B 265 -10.65 5.15 -5.04
C TRP B 265 -10.60 5.24 -3.51
N GLY B 266 -11.38 6.10 -2.90
CA GLY B 266 -11.38 6.23 -1.45
C GLY B 266 -10.01 6.66 -0.96
N ALA B 267 -9.37 5.86 -0.08
CA ALA B 267 -8.05 6.21 0.48
C ALA B 267 -7.52 4.93 1.11
N HIS B 268 -6.26 4.94 1.48
CA HIS B 268 -5.63 3.79 2.18
C HIS B 268 -4.73 4.35 3.28
N GLY B 269 -4.75 3.69 4.43
CA GLY B 269 -3.86 4.09 5.53
C GLY B 269 -2.57 3.34 5.60
N GLY B 270 -2.30 2.35 4.75
CA GLY B 270 -1.00 1.70 4.57
C GLY B 270 -0.94 0.26 5.05
N GLY B 271 -1.80 -0.14 5.94
CA GLY B 271 -1.69 -1.48 6.56
C GLY B 271 -2.17 -2.59 5.68
N ALA B 272 -1.40 -3.65 5.59
CA ALA B 272 -1.79 -4.85 4.81
C ALA B 272 -2.78 -5.67 5.68
N PHE B 273 -3.47 -6.57 5.05
CA PHE B 273 -4.46 -7.45 5.78
C PHE B 273 -3.92 -8.85 6.02
N SER B 274 -3.34 -9.47 5.00
CA SER B 274 -3.16 -10.95 5.06
C SER B 274 -2.11 -11.33 6.09
N GLY B 275 -2.35 -12.48 6.72
CA GLY B 275 -1.43 -12.99 7.75
C GLY B 275 -1.67 -12.36 9.11
N LYS B 276 -2.64 -11.45 9.28
CA LYS B 276 -2.91 -10.77 10.54
C LYS B 276 -4.20 -11.32 11.16
N ASP B 277 -4.09 -11.72 12.42
CA ASP B 277 -5.32 -12.11 13.14
C ASP B 277 -6.21 -10.88 13.25
N PRO B 278 -7.53 -11.09 13.34
CA PRO B 278 -8.48 -9.97 13.29
C PRO B 278 -8.60 -9.14 14.58
N THR B 279 -7.80 -9.34 15.58
CA THR B 279 -7.66 -8.31 16.65
C THR B 279 -6.84 -7.12 16.12
N LYS B 280 -6.05 -7.35 15.07
CA LYS B 280 -5.11 -6.28 14.59
C LYS B 280 -5.94 -5.21 13.91
N VAL B 281 -5.76 -3.95 14.35
CA VAL B 281 -6.63 -2.87 13.84
C VAL B 281 -6.40 -2.64 12.34
N ASP B 282 -5.23 -2.96 11.78
CA ASP B 282 -5.00 -2.80 10.30
C ASP B 282 -6.10 -3.54 9.55
N ARG B 283 -6.54 -4.67 10.13
CA ARG B 283 -7.57 -5.50 9.45
C ARG B 283 -8.98 -5.21 9.98
N SER B 284 -9.20 -5.38 11.29
CA SER B 284 -10.56 -5.15 11.81
C SER B 284 -10.96 -3.69 11.60
N GLY B 285 -10.04 -2.75 11.78
CA GLY B 285 -10.37 -1.33 11.63
C GLY B 285 -10.82 -1.04 10.20
N ALA B 286 -10.05 -1.52 9.23
CA ALA B 286 -10.43 -1.36 7.82
C ALA B 286 -11.76 -2.02 7.49
N TYR B 287 -12.01 -3.19 8.05
CA TYR B 287 -13.28 -3.91 7.79
C TYR B 287 -14.47 -3.13 8.35
N ILE B 288 -14.33 -2.56 9.56
CA ILE B 288 -15.46 -1.83 10.20
C ILE B 288 -15.70 -0.53 9.43
N VAL B 289 -14.67 0.16 8.96
CA VAL B 289 -14.96 1.44 8.24
C VAL B 289 -15.52 1.13 6.86
N ARG B 290 -15.20 0.00 6.22
CA ARG B 290 -15.94 -0.41 5.00
C ARG B 290 -17.43 -0.60 5.39
N GLN B 291 -17.70 -1.30 6.48
CA GLN B 291 -19.10 -1.47 6.92
C GLN B 291 -19.77 -0.11 7.19
N ALA B 292 -19.08 0.83 7.77
CA ALA B 292 -19.64 2.16 8.06
C ALA B 292 -19.93 2.89 6.75
N ALA B 293 -18.95 2.98 5.84
CA ALA B 293 -19.14 3.70 4.57
C ALA B 293 -20.23 3.05 3.76
N LYS B 294 -20.24 1.74 3.68
CA LYS B 294 -21.27 1.00 2.96
C LYS B 294 -22.65 1.30 3.57
N SER B 295 -22.75 1.31 4.91
CA SER B 295 -24.06 1.58 5.57
C SER B 295 -24.55 3.01 5.28
N VAL B 296 -23.66 3.99 5.26
CA VAL B 296 -24.08 5.40 4.96
C VAL B 296 -24.70 5.41 3.56
N VAL B 297 -24.09 4.79 2.59
CA VAL B 297 -24.63 4.80 1.20
C VAL B 297 -25.88 3.93 1.12
N ALA B 298 -25.88 2.75 1.69
CA ALA B 298 -27.03 1.79 1.59
C ALA B 298 -28.30 2.33 2.27
N ASN B 299 -28.14 3.18 3.28
CA ASN B 299 -29.27 3.84 4.02
C ASN B 299 -29.76 5.06 3.23
N GLY B 300 -29.11 5.47 2.16
CA GLY B 300 -29.54 6.59 1.32
C GLY B 300 -29.13 7.93 1.89
N MET B 301 -28.21 7.94 2.88
CA MET B 301 -27.74 9.19 3.49
C MET B 301 -26.81 9.93 2.53
N ALA B 302 -26.17 9.21 1.60
CA ALA B 302 -25.23 9.80 0.63
C ALA B 302 -25.09 8.83 -0.53
N ARG B 303 -24.58 9.29 -1.67
CA ARG B 303 -24.29 8.44 -2.85
C ARG B 303 -22.86 7.87 -2.77
N ARG B 304 -22.00 8.51 -1.99
CA ARG B 304 -20.57 8.14 -1.86
C ARG B 304 -20.13 8.50 -0.43
N ALA B 305 -19.23 7.70 0.16
CA ALA B 305 -18.78 8.00 1.54
C ALA B 305 -17.36 7.50 1.74
N LEU B 306 -16.56 8.32 2.39
CA LEU B 306 -15.23 7.98 2.87
C LEU B 306 -15.20 8.15 4.37
N VAL B 307 -14.68 7.12 5.08
CA VAL B 307 -14.55 7.12 6.54
C VAL B 307 -13.11 6.81 6.92
N GLN B 308 -12.52 7.65 7.79
CA GLN B 308 -11.21 7.34 8.39
C GLN B 308 -11.39 7.03 9.87
N VAL B 309 -10.61 6.11 10.40
CA VAL B 309 -10.42 5.89 11.86
C VAL B 309 -8.93 5.85 12.11
N SER B 310 -8.45 6.19 13.31
CA SER B 310 -7.01 6.06 13.68
C SER B 310 -6.93 5.64 15.14
N TYR B 311 -5.82 5.01 15.45
CA TYR B 311 -5.58 4.42 16.77
C TYR B 311 -4.20 4.82 17.31
N ALA B 312 -4.07 4.64 18.64
CA ALA B 312 -2.78 4.66 19.34
C ALA B 312 -2.59 3.34 20.08
N ILE B 313 -1.35 2.84 20.10
CA ILE B 313 -1.04 1.58 20.79
C ILE B 313 -1.48 1.72 22.25
N GLY B 314 -2.22 0.71 22.72
CA GLY B 314 -2.58 0.65 24.16
C GLY B 314 -3.80 1.42 24.50
N VAL B 315 -4.44 2.10 23.56
CA VAL B 315 -5.63 2.97 23.80
C VAL B 315 -6.85 2.36 23.11
N PRO B 316 -7.98 2.09 23.80
CA PRO B 316 -9.13 1.47 23.16
C PRO B 316 -9.88 2.34 22.16
N GLU B 317 -10.13 3.59 22.55
CA GLU B 317 -10.89 4.54 21.75
C GLU B 317 -10.04 5.09 20.61
N PRO B 318 -10.61 5.19 19.40
CA PRO B 318 -9.88 5.78 18.27
C PRO B 318 -9.44 7.22 18.56
N LEU B 319 -8.28 7.61 18.06
CA LEU B 319 -7.77 9.00 18.17
C LEU B 319 -8.59 9.96 17.33
N SER B 320 -9.18 9.51 16.22
CA SER B 320 -9.91 10.38 15.29
C SER B 320 -10.84 9.51 14.44
N VAL B 321 -11.91 10.12 14.02
CA VAL B 321 -12.83 9.59 13.01
C VAL B 321 -13.20 10.75 12.09
N PHE B 322 -13.38 10.47 10.82
CA PHE B 322 -14.00 11.49 9.93
CA PHE B 322 -13.72 11.43 9.75
C PHE B 322 -14.82 10.78 8.89
N VAL B 323 -15.84 11.51 8.45
CA VAL B 323 -16.77 11.12 7.38
C VAL B 323 -16.81 12.22 6.32
N ASP B 324 -16.62 11.85 5.06
CA ASP B 324 -16.73 12.80 3.95
CA ASP B 324 -16.62 12.76 3.89
C ASP B 324 -17.59 12.16 2.87
N THR B 325 -18.65 12.85 2.45
CA THR B 325 -19.57 12.32 1.40
C THR B 325 -19.36 12.98 0.03
N TYR B 326 -18.27 13.69 -0.20
CA TYR B 326 -17.92 14.25 -1.52
C TYR B 326 -19.05 15.16 -2.01
N GLY B 327 -19.74 15.78 -1.07
CA GLY B 327 -20.83 16.71 -1.45
C GLY B 327 -22.10 15.99 -1.79
N THR B 328 -22.19 14.67 -1.56
CA THR B 328 -23.38 13.86 -1.93
C THR B 328 -24.33 13.60 -0.74
N GLY B 329 -23.95 13.98 0.49
CA GLY B 329 -24.75 13.70 1.70
C GLY B 329 -26.07 14.50 1.69
N LEU B 330 -27.13 13.87 2.14
CA LEU B 330 -28.49 14.51 2.19
C LEU B 330 -28.68 15.20 3.54
N ILE B 331 -27.78 15.01 4.48
CA ILE B 331 -27.63 15.78 5.73
C ILE B 331 -26.15 16.11 5.85
N PRO B 332 -25.78 17.11 6.65
CA PRO B 332 -24.39 17.50 6.75
C PRO B 332 -23.49 16.34 7.21
N ASP B 333 -22.27 16.36 6.70
CA ASP B 333 -21.28 15.30 7.06
C ASP B 333 -21.07 15.30 8.59
N LYS B 334 -21.10 16.44 9.28
CA LYS B 334 -20.95 16.45 10.76
C LYS B 334 -22.05 15.59 11.41
N GLU B 335 -23.26 15.60 10.88
CA GLU B 335 -24.36 14.80 11.49
CA GLU B 335 -24.42 14.81 11.39
C GLU B 335 -24.18 13.33 11.09
N ILE B 336 -23.72 13.04 9.87
CA ILE B 336 -23.44 11.63 9.51
C ILE B 336 -22.33 11.10 10.42
N LEU B 337 -21.31 11.90 10.69
CA LEU B 337 -20.24 11.48 11.64
C LEU B 337 -20.84 11.12 12.99
N LYS B 338 -21.73 11.97 13.50
CA LYS B 338 -22.33 11.70 14.83
C LYS B 338 -23.11 10.37 14.78
N ILE B 339 -23.91 10.13 13.75
CA ILE B 339 -24.68 8.87 13.59
C ILE B 339 -23.74 7.66 13.46
N VAL B 340 -22.70 7.79 12.67
CA VAL B 340 -21.70 6.70 12.53
C VAL B 340 -21.08 6.40 13.90
N LYS B 341 -20.68 7.42 14.65
CA LYS B 341 -20.00 7.22 15.95
C LYS B 341 -21.00 6.67 16.97
N GLU B 342 -22.28 7.01 16.83
CA GLU B 342 -23.35 6.47 17.73
C GLU B 342 -23.60 5.00 17.45
N THR B 343 -23.39 4.52 16.22
CA THR B 343 -23.87 3.22 15.73
C THR B 343 -22.72 2.17 15.73
N PHE B 344 -21.52 2.56 15.33
CA PHE B 344 -20.37 1.63 15.18
C PHE B 344 -19.46 1.71 16.41
N ASP B 345 -18.96 0.58 16.89
CA ASP B 345 -18.00 0.57 18.00
C ASP B 345 -16.61 0.28 17.45
N PHE B 346 -15.77 1.28 17.42
CA PHE B 346 -14.43 1.21 16.79
C PHE B 346 -13.36 0.66 17.76
N ARG B 347 -13.74 0.26 18.96
CA ARG B 347 -12.78 -0.26 19.94
C ARG B 347 -12.38 -1.67 19.48
N PRO B 348 -11.06 -1.98 19.50
CA PRO B 348 -10.58 -3.23 18.94
C PRO B 348 -11.12 -4.54 19.52
N GLY B 349 -11.44 -4.53 20.80
CA GLY B 349 -12.00 -5.74 21.42
C GLY B 349 -13.44 -5.92 20.98
N MET B 350 -14.09 -4.84 20.63
CA MET B 350 -15.49 -4.88 20.18
C MET B 350 -15.62 -5.28 18.72
N MET B 351 -14.76 -4.73 17.88
CA MET B 351 -14.86 -4.93 16.43
C MET B 351 -14.81 -6.43 16.15
N THR B 352 -13.85 -7.18 16.71
CA THR B 352 -13.66 -8.63 16.43
CA THR B 352 -13.65 -8.63 16.43
C THR B 352 -14.90 -9.42 16.80
N ILE B 353 -15.59 -9.05 17.88
CA ILE B 353 -16.80 -9.76 18.32
C ILE B 353 -17.96 -9.37 17.41
N ASN B 354 -18.17 -8.09 17.15
CA ASN B 354 -19.30 -7.65 16.31
C ASN B 354 -19.21 -8.23 14.89
N LEU B 355 -18.03 -8.42 14.32
CA LEU B 355 -17.90 -8.96 12.96
C LEU B 355 -17.56 -10.45 12.99
N ASP B 356 -17.67 -11.06 14.16
CA ASP B 356 -17.54 -12.54 14.27
C ASP B 356 -16.25 -13.01 13.56
N LEU B 357 -15.13 -12.35 13.81
CA LEU B 357 -13.92 -12.56 12.98
C LEU B 357 -13.08 -13.73 13.48
N LYS B 358 -13.28 -14.26 14.68
CA LYS B 358 -12.44 -15.40 15.19
C LYS B 358 -13.10 -16.74 14.88
N ARG B 359 -14.30 -16.75 14.29
CA ARG B 359 -15.21 -17.93 14.06
C ARG B 359 -14.53 -19.05 13.25
N GLY B 360 -13.70 -18.69 12.29
CA GLY B 360 -12.73 -19.60 11.61
C GLY B 360 -13.14 -20.95 11.02
N GLY B 361 -14.03 -20.97 10.04
CA GLY B 361 -14.51 -22.20 9.35
C GLY B 361 -13.78 -22.52 8.03
N ASN B 362 -14.47 -22.45 6.89
CA ASN B 362 -13.94 -23.01 5.61
C ASN B 362 -13.06 -21.95 4.96
N GLY B 363 -11.83 -21.80 5.46
CA GLY B 363 -10.83 -20.93 4.80
C GLY B 363 -11.36 -19.52 4.68
N ARG B 364 -11.89 -19.05 5.79
CA ARG B 364 -12.58 -17.73 5.88
C ARG B 364 -11.67 -16.58 5.44
N PHE B 365 -10.44 -16.52 5.91
CA PHE B 365 -9.55 -15.42 5.51
C PHE B 365 -8.80 -15.74 4.24
N GLN B 366 -8.48 -16.96 3.94
CA GLN B 366 -7.84 -17.24 2.63
C GLN B 366 -8.71 -16.83 1.45
N LYS B 367 -10.04 -16.84 1.64
CA LYS B 367 -10.99 -16.36 0.59
C LYS B 367 -10.79 -14.87 0.34
N THR B 368 -10.41 -14.08 1.36
CA THR B 368 -10.24 -12.64 1.22
C THR B 368 -8.96 -12.31 0.43
N ALA B 369 -8.02 -13.23 0.38
CA ALA B 369 -6.61 -12.96 0.03
C ALA B 369 -6.37 -12.93 -1.49
N ALA B 370 -7.38 -13.22 -2.30
CA ALA B 370 -7.33 -12.91 -3.75
C ALA B 370 -8.69 -12.40 -4.16
N TYR B 371 -8.71 -11.41 -5.05
CA TYR B 371 -9.92 -10.83 -5.70
C TYR B 371 -10.69 -10.03 -4.66
N GLY B 372 -9.95 -9.42 -3.72
CA GLY B 372 -10.48 -8.26 -2.95
C GLY B 372 -11.16 -8.61 -1.65
N HIS B 373 -10.95 -7.74 -0.65
CA HIS B 373 -11.59 -7.96 0.66
C HIS B 373 -13.00 -7.41 0.67
N PHE B 374 -13.36 -6.50 -0.24
CA PHE B 374 -14.65 -5.82 -0.21
C PHE B 374 -15.49 -6.14 -1.44
N GLY B 375 -16.78 -5.91 -1.29
CA GLY B 375 -17.73 -5.97 -2.40
C GLY B 375 -18.10 -7.39 -2.72
N ARG B 376 -17.92 -8.32 -1.80
CA ARG B 376 -18.21 -9.77 -2.04
C ARG B 376 -19.36 -10.19 -1.18
N ASP B 377 -20.25 -11.07 -1.64
CA ASP B 377 -21.54 -11.23 -0.89
C ASP B 377 -21.56 -12.53 -0.08
N ASP B 378 -20.45 -13.23 -0.01
CA ASP B 378 -20.20 -14.41 0.87
C ASP B 378 -20.54 -14.09 2.33
N PRO B 379 -21.35 -14.89 3.05
CA PRO B 379 -21.70 -14.62 4.44
C PRO B 379 -20.53 -14.52 5.42
N ASP B 380 -19.38 -15.10 5.06
CA ASP B 380 -18.20 -14.94 5.90
C ASP B 380 -17.69 -13.51 5.86
N PHE B 381 -18.02 -12.74 4.83
CA PHE B 381 -17.60 -11.31 4.71
C PHE B 381 -18.62 -10.46 5.50
N THR B 382 -18.53 -10.56 6.82
CA THR B 382 -19.52 -9.98 7.76
C THR B 382 -19.56 -8.46 7.71
N TRP B 383 -18.46 -7.86 7.28
CA TRP B 383 -18.29 -6.40 7.17
C TRP B 383 -19.04 -5.85 5.96
N GLU B 384 -19.54 -6.70 5.07
CA GLU B 384 -20.35 -6.29 3.90
C GLU B 384 -21.82 -6.17 4.29
N VAL B 385 -22.19 -6.68 5.46
CA VAL B 385 -23.61 -6.58 5.95
C VAL B 385 -23.88 -5.15 6.37
N VAL B 386 -24.92 -4.54 5.82
CA VAL B 386 -25.30 -3.14 6.07
C VAL B 386 -25.97 -3.07 7.43
N LYS B 387 -25.61 -2.07 8.22
CA LYS B 387 -26.32 -1.77 9.49
C LYS B 387 -27.35 -0.70 9.19
N PRO B 388 -28.55 -0.83 9.79
CA PRO B 388 -29.55 0.23 9.71
C PRO B 388 -29.05 1.47 10.47
N LEU B 389 -29.25 2.66 9.91
CA LEU B 389 -28.82 3.94 10.53
C LEU B 389 -30.09 4.79 10.76
N LYS B 390 -30.18 5.39 11.95
CA LYS B 390 -31.34 6.25 12.33
C LYS B 390 -31.08 7.65 11.78
N TRP B 391 -31.89 8.16 10.85
CA TRP B 391 -31.76 9.57 10.40
C TRP B 391 -33.11 10.04 9.84
N ASP B 392 -33.25 11.34 9.62
CA ASP B 392 -34.50 11.92 9.05
C ASP B 392 -34.15 12.52 7.70
N LYS B 393 -34.72 11.97 6.62
CA LYS B 393 -34.50 12.46 5.24
C LYS B 393 -35.17 13.83 5.11
N PRO B 394 -34.45 14.94 4.81
CA PRO B 394 -35.04 16.28 4.85
C PRO B 394 -36.03 16.52 3.70
P PO4 C . 3.85 -2.15 11.42
O1 PO4 C . 4.72 -2.03 12.65
O2 PO4 C . 2.73 -3.08 11.71
O3 PO4 C . 4.68 -2.70 10.28
O4 PO4 C . 3.32 -0.79 11.05
P PO4 D . 2.06 -3.19 7.88
O1 PO4 D . 3.45 -3.75 7.78
O2 PO4 D . 1.49 -3.71 9.16
O3 PO4 D . 1.18 -3.73 6.78
O4 PO4 D . 2.03 -1.65 7.91
P PO4 E . 5.60 -0.34 18.51
O1 PO4 E . 6.32 0.49 17.46
O2 PO4 E . 4.41 -1.10 17.90
O3 PO4 E . 5.13 0.56 19.62
O4 PO4 E . 6.60 -1.37 19.07
P PO4 F . 9.25 23.45 -3.07
O1 PO4 F . 10.32 24.50 -2.75
O2 PO4 F . 9.40 23.05 -4.51
O3 PO4 F . 9.48 22.24 -2.18
O4 PO4 F . 7.83 24.00 -2.80
MG MG G . 4.96 -4.26 8.98
MG MG H . 5.17 -3.42 14.21
MG MG I . 5.09 -3.39 -9.51
C1 PGR J . 5.10 23.82 8.38
C2 PGR J . 5.54 22.56 7.68
C3 PGR J . 6.16 22.88 6.35
O1 PGR J . 4.00 24.45 7.72
O2 PGR J . 6.49 21.84 8.47
P PO4 K . 4.10 -6.52 -9.54
O1 PO4 K . 5.19 -5.47 -9.86
O2 PO4 K . 2.72 -5.81 -9.59
O3 PO4 K . 4.13 -7.65 -10.62
O4 PO4 K . 4.26 -7.08 -8.16
P PO4 L . 4.58 -4.04 -6.38
O1 PO4 L . 5.45 -3.85 -7.57
O2 PO4 L . 3.11 -3.88 -6.78
O3 PO4 L . 5.00 -2.97 -5.37
O4 PO4 L . 4.85 -5.40 -5.79
P PO4 M . 3.38 -9.79 -16.30
O1 PO4 M . 4.26 -8.62 -15.82
O2 PO4 M . 2.26 -10.11 -15.35
O3 PO4 M . 2.82 -9.56 -17.68
O4 PO4 M . 4.32 -11.02 -16.35
P PO4 N . 8.01 -36.14 1.81
O1 PO4 N . 9.18 -35.28 2.14
O2 PO4 N . 8.47 -37.55 1.44
O3 PO4 N . 7.05 -36.20 3.01
O4 PO4 N . 7.26 -35.56 0.56
MG MG O . 5.43 -7.24 -6.51
MG MG P . 5.69 -8.56 -11.59
MG MG Q . 9.44 -33.79 3.63
MG MG R . 0.73 -2.92 10.86
S1 MPO S . 4.18 -31.89 3.29
O1 MPO S . 4.97 -32.85 2.59
O2 MPO S . 4.53 -30.48 2.80
O4 MPO S . 5.75 -33.78 9.97
N1 MPO S . 3.90 -33.19 7.90
C1 MPO S . 4.71 -31.98 4.97
O3 MPO S . 2.76 -32.05 3.29
C2 MPO S . 4.45 -33.37 5.51
C3 MPO S . 3.37 -33.34 6.53
C4 MPO S . 3.95 -34.51 8.53
C5 MPO S . 4.44 -34.35 9.94
C6 MPO S . 5.75 -32.53 9.32
C7 MPO S . 5.25 -32.64 7.90
O1 MXE T . 1.76 -20.83 -31.35
C1 MXE T . 1.86 -22.07 -30.67
C2 MXE T . 0.78 -23.02 -31.07
O2 MXE T . 1.11 -24.33 -30.64
C3 MXE T . 0.16 -25.32 -30.98
C1 PGR U . -21.78 -4.21 -12.95
C2 PGR U . -21.09 -4.82 -11.75
C3 PGR U . -22.05 -5.51 -10.81
O1 PGR U . -22.39 -2.96 -12.66
O2 PGR U . -20.08 -5.74 -12.21
C1 PGE V . -12.68 17.30 2.22
O1 PGE V . -13.19 17.50 0.94
C2 PGE V . -11.38 16.57 2.21
O2 PGE V . -11.44 15.45 3.09
C3 PGE V . -10.28 14.62 3.03
C4 PGE V . -10.43 13.59 1.94
O4 PGE V . -6.87 14.19 -0.98
C6 PGE V . -7.53 13.15 -0.28
C5 PGE V . -8.96 13.41 0.08
O3 PGE V . -9.15 13.18 1.48
C1 PGE W . -14.27 13.44 -8.10
O1 PGE W . -14.03 12.91 -6.80
C2 PGE W . -13.43 12.81 -9.18
O2 PGE W . -12.84 11.59 -8.73
C3 PGE W . -11.74 11.79 -7.85
C4 PGE W . -11.07 10.50 -7.54
O4 PGE W . -8.95 8.28 -4.45
C6 PGE W . -9.42 8.92 -5.63
C5 PGE W . -10.32 10.09 -5.30
O3 PGE W . -11.42 10.12 -6.21
#